data_5GRF
#
_entry.id   5GRF
#
_cell.length_a   114.336
_cell.length_b   114.336
_cell.length_c   143.901
_cell.angle_alpha   90.000
_cell.angle_beta   90.000
_cell.angle_gamma   120.000
#
_symmetry.space_group_name_H-M   'P 31 2 1'
#
loop_
_entity.id
_entity.type
_entity.pdbx_description
1 polymer 'Isocitrate dehydrogenase [NAD] subunit alpha, mitochondrial'
2 polymer 'Isocitrate dehydrogenase [NAD] subunit gamma, mitochondrial'
3 non-polymer 'CITRIC ACID'
4 non-polymer "ADENOSINE-5'-DIPHOSPHATE"
5 non-polymer 'MAGNESIUM ION'
6 water water
#
loop_
_entity_poly.entity_id
_entity_poly.type
_entity_poly.pdbx_seq_one_letter_code
_entity_poly.pdbx_strand_id
1 'polypeptide(L)'
;TGGVQTVTLIPGDGIGPEISAAVMKIFDAAKAPIQWEERNVTAIQGPGGKWMIPSEAKESMDKNKMGLKGPLKTPIAAGH
PSMNLLLRKTFDLYANVRPCVSIEGYKTPYTDVNIVTIRENTEGEYSGIEHVIVDGVVQSIKLITEGASKRIAEFAFEYA
RNNHRSNVTAVHKANIMRMSDGLFLQKCREVAESCKDIKFNEMYLDTVCLNMVQDPSQFDVLVMPNLYGDILSDLCAGLI
GGLGVTPSGNIGANGVAIFESVHGTAPDIAGKDMANPTALLLSAVMMLRHMGLFDHAARIEAACFATIKDGKSLTKDLGG
NAKCSDFTEEICRRVKDLD
;
A
2 'polypeptide(L)'
;FSEQTIPPSAKYGGRHTVTMIPGDGIGPELMLHVKSVFRHACVPVDFEEVHVSSNADEEDIRNAIMAIRRNRVALKGNIE
TNHNLPPSHKSRNNILRTSLDLYANVIHCKSLPGVVTRHKDIDILIVRENTEGEYSSLEHESVAGVVESLAIITKAKSLR
IAEYAFKLAQESGRKKVTAVHKANIMKLGDGLFLQCCREVAARYPQITFENMIVDNTTMQLVSRPQQFDVMVMPNLYGNI
VNNVCAGLVGGPGLVAGANYGHVYAVFETATRNTGKSIANKNIANPTATLLASCMMLDHLKLHSYATSIRKAVLASMDNE
NMHTPDIGGQGTTSEAIQDVIRHIRVINGRAVEA
;
B
#
# COMPACT_ATOMS: atom_id res chain seq x y z
N VAL A 4 -24.15 33.02 -11.83
CA VAL A 4 -24.04 31.76 -12.66
C VAL A 4 -22.63 31.67 -13.27
N GLN A 5 -22.10 30.45 -13.30
CA GLN A 5 -20.73 30.17 -13.77
C GLN A 5 -20.71 28.94 -14.68
N THR A 6 -19.63 28.83 -15.47
CA THR A 6 -19.52 27.82 -16.53
C THR A 6 -18.45 26.76 -16.23
N VAL A 7 -18.79 25.50 -16.48
CA VAL A 7 -17.94 24.34 -16.18
C VAL A 7 -17.75 23.50 -17.43
N THR A 8 -16.50 23.34 -17.87
CA THR A 8 -16.18 22.46 -18.99
C THR A 8 -16.51 21.02 -18.63
N LEU A 9 -17.38 20.39 -19.42
CA LEU A 9 -17.84 19.04 -19.16
C LEU A 9 -17.29 18.11 -20.23
N ILE A 10 -16.63 17.04 -19.79
CA ILE A 10 -16.06 16.02 -20.67
C ILE A 10 -16.74 14.69 -20.34
N PRO A 11 -17.87 14.37 -21.01
CA PRO A 11 -18.58 13.14 -20.65
C PRO A 11 -17.76 11.87 -20.83
N GLY A 12 -16.88 11.85 -21.83
CA GLY A 12 -16.02 10.71 -22.11
C GLY A 12 -16.78 9.57 -22.79
N ASP A 13 -16.18 8.39 -22.78
CA ASP A 13 -16.71 7.22 -23.48
C ASP A 13 -17.52 6.33 -22.53
N GLY A 14 -18.12 5.29 -23.10
CA GLY A 14 -18.80 4.26 -22.34
C GLY A 14 -20.05 4.76 -21.62
N ILE A 15 -20.07 4.61 -20.30
CA ILE A 15 -21.17 5.11 -19.46
C ILE A 15 -21.06 6.60 -19.12
N GLY A 16 -19.94 7.22 -19.47
CA GLY A 16 -19.69 8.64 -19.21
C GLY A 16 -20.76 9.65 -19.58
N PRO A 17 -21.37 9.50 -20.78
CA PRO A 17 -22.53 10.30 -21.17
C PRO A 17 -23.76 10.10 -20.26
N GLU A 18 -24.13 8.85 -20.02
CA GLU A 18 -25.30 8.50 -19.19
C GLU A 18 -25.20 9.15 -17.80
N ILE A 19 -24.03 8.99 -17.18
CA ILE A 19 -23.76 9.52 -15.83
C ILE A 19 -23.55 11.03 -15.79
N SER A 20 -23.08 11.62 -16.89
CA SER A 20 -23.00 13.09 -17.00
C SER A 20 -24.40 13.70 -17.06
N ALA A 21 -25.26 13.15 -17.91
CA ALA A 21 -26.68 13.56 -17.98
C ALA A 21 -27.39 13.42 -16.63
N ALA A 22 -27.02 12.38 -15.88
CA ALA A 22 -27.54 12.15 -14.54
C ALA A 22 -27.03 13.19 -13.53
N VAL A 23 -25.76 13.57 -13.64
CA VAL A 23 -25.16 14.62 -12.80
C VAL A 23 -25.77 15.98 -13.14
N MET A 24 -25.81 16.31 -14.43
CA MET A 24 -26.39 17.56 -14.91
C MET A 24 -27.84 17.74 -14.45
N LYS A 25 -28.65 16.70 -14.63
CA LYS A 25 -30.06 16.69 -14.17
C LYS A 25 -30.19 16.95 -12.66
N ILE A 26 -29.26 16.41 -11.87
CA ILE A 26 -29.22 16.65 -10.41
C ILE A 26 -28.79 18.08 -10.08
N PHE A 27 -27.77 18.60 -10.78
CA PHE A 27 -27.36 20.02 -10.66
C PHE A 27 -28.42 21.01 -11.14
N ASP A 28 -29.25 20.58 -12.10
CA ASP A 28 -30.41 21.33 -12.57
C ASP A 28 -31.47 21.40 -11.48
N ALA A 29 -31.84 20.25 -10.94
CA ALA A 29 -32.84 20.14 -9.85
C ALA A 29 -32.41 20.75 -8.49
N ALA A 30 -31.15 21.16 -8.38
CA ALA A 30 -30.60 21.81 -7.18
C ALA A 30 -30.58 23.34 -7.28
N LYS A 31 -30.91 23.89 -8.45
CA LYS A 31 -30.73 25.31 -8.76
C LYS A 31 -29.29 25.75 -8.43
N ALA A 32 -28.32 25.01 -8.95
CA ALA A 32 -26.90 25.31 -8.73
C ALA A 32 -26.46 26.38 -9.73
N PRO A 33 -25.67 27.41 -9.30
CA PRO A 33 -25.16 28.46 -10.23
C PRO A 33 -24.18 27.98 -11.31
N ILE A 34 -24.55 26.92 -12.02
CA ILE A 34 -23.64 26.17 -12.89
C ILE A 34 -24.34 25.83 -14.20
N GLN A 35 -23.87 26.42 -15.29
CA GLN A 35 -24.19 25.95 -16.64
C GLN A 35 -22.96 25.26 -17.23
N TRP A 36 -23.21 24.30 -18.10
CA TRP A 36 -22.15 23.48 -18.68
C TRP A 36 -21.70 24.05 -20.01
N GLU A 37 -20.52 23.63 -20.44
CA GLU A 37 -20.00 23.88 -21.78
C GLU A 37 -19.34 22.59 -22.24
N GLU A 38 -20.18 21.67 -22.71
CA GLU A 38 -19.73 20.35 -23.14
C GLU A 38 -18.65 20.47 -24.22
N ARG A 39 -17.54 19.76 -24.01
CA ARG A 39 -16.46 19.66 -24.98
C ARG A 39 -16.05 18.22 -25.15
N ASN A 40 -15.23 18.00 -26.16
CA ASN A 40 -14.66 16.71 -26.43
C ASN A 40 -13.16 16.80 -26.31
N VAL A 41 -12.57 15.66 -26.00
CA VAL A 41 -11.15 15.53 -25.75
C VAL A 41 -10.69 14.41 -26.70
N THR A 42 -9.54 14.60 -27.34
CA THR A 42 -8.99 13.65 -28.32
C THR A 42 -7.56 14.04 -28.66
N ALA A 43 -6.67 13.06 -28.67
CA ALA A 43 -5.30 13.29 -29.13
C ALA A 43 -5.31 13.53 -30.64
N ILE A 44 -4.80 14.67 -31.07
CA ILE A 44 -4.69 15.03 -32.49
C ILE A 44 -3.31 15.66 -32.74
N GLN A 45 -2.74 15.39 -33.92
CA GLN A 45 -1.44 15.95 -34.30
C GLN A 45 -1.61 17.38 -34.82
N TRP A 51 1.89 16.49 -30.66
CA TRP A 51 0.67 15.75 -30.35
C TRP A 51 -0.01 16.30 -29.07
N MET A 52 -1.19 16.91 -29.24
CA MET A 52 -1.86 17.65 -28.16
C MET A 52 -3.40 17.54 -28.21
N ILE A 53 -4.08 18.30 -27.32
CA ILE A 53 -5.53 18.25 -27.09
C ILE A 53 -6.26 19.28 -27.99
N PRO A 54 -7.57 19.06 -28.33
CA PRO A 54 -8.28 19.97 -29.24
C PRO A 54 -8.28 21.45 -28.82
N SER A 55 -8.27 22.33 -29.82
CA SER A 55 -8.26 23.79 -29.62
C SER A 55 -9.46 24.26 -28.80
N GLU A 56 -10.62 23.71 -29.13
CA GLU A 56 -11.89 24.03 -28.47
C GLU A 56 -11.95 23.61 -26.99
N ALA A 57 -11.41 22.43 -26.68
CA ALA A 57 -11.34 21.94 -25.29
C ALA A 57 -10.31 22.71 -24.46
N LYS A 58 -9.16 23.03 -25.04
CA LYS A 58 -8.13 23.82 -24.35
C LYS A 58 -8.65 25.20 -23.96
N GLU A 59 -9.18 25.93 -24.94
CA GLU A 59 -9.72 27.28 -24.75
C GLU A 59 -10.91 27.32 -23.78
N SER A 60 -11.80 26.34 -23.90
CA SER A 60 -12.90 26.13 -22.94
C SER A 60 -12.38 26.10 -21.51
N MET A 61 -11.43 25.20 -21.26
CA MET A 61 -10.82 25.02 -19.94
C MET A 61 -9.97 26.22 -19.49
N ASP A 62 -9.29 26.87 -20.44
CA ASP A 62 -8.59 28.14 -20.14
C ASP A 62 -9.56 29.23 -19.67
N LYS A 63 -10.71 29.33 -20.34
CA LYS A 63 -11.75 30.29 -19.97
C LYS A 63 -12.37 29.90 -18.63
N ASN A 64 -13.03 28.74 -18.61
CA ASN A 64 -13.86 28.31 -17.49
C ASN A 64 -13.05 28.05 -16.21
N LYS A 65 -11.80 27.61 -16.38
CA LYS A 65 -10.85 27.38 -15.28
C LYS A 65 -11.20 26.18 -14.38
N MET A 66 -12.24 25.43 -14.74
CA MET A 66 -12.79 24.37 -13.90
C MET A 66 -13.44 23.34 -14.82
N GLY A 67 -13.12 22.07 -14.60
CA GLY A 67 -13.59 21.00 -15.48
C GLY A 67 -14.16 19.83 -14.72
N LEU A 68 -15.10 19.12 -15.33
CA LEU A 68 -15.59 17.84 -14.80
C LEU A 68 -15.43 16.80 -15.91
N LYS A 69 -15.07 15.59 -15.51
CA LYS A 69 -14.59 14.55 -16.44
C LYS A 69 -15.08 13.15 -16.07
N GLY A 70 -15.73 12.48 -17.02
CA GLY A 70 -16.12 11.07 -16.88
C GLY A 70 -14.99 10.16 -17.33
N PRO A 71 -15.24 8.84 -17.35
CA PRO A 71 -14.21 7.87 -17.70
C PRO A 71 -13.88 7.84 -19.20
N LEU A 72 -12.58 7.87 -19.51
CA LEU A 72 -12.08 7.82 -20.88
C LEU A 72 -11.51 6.43 -21.18
N LYS A 73 -11.45 6.09 -22.46
CA LYS A 73 -10.73 4.90 -22.93
C LYS A 73 -9.27 5.27 -23.22
N THR A 74 -8.36 4.30 -23.07
CA THR A 74 -6.96 4.48 -23.45
C THR A 74 -6.81 4.13 -24.94
N PRO A 75 -6.06 4.94 -25.72
CA PRO A 75 -5.92 4.71 -27.18
C PRO A 75 -5.46 3.30 -27.58
N PRO A 81 -0.31 7.85 -26.58
CA PRO A 81 -0.33 8.96 -25.66
C PRO A 81 -1.66 9.00 -24.95
N SER A 82 -1.64 8.99 -23.62
CA SER A 82 -2.88 9.01 -22.88
C SER A 82 -3.43 10.42 -22.83
N MET A 83 -4.74 10.49 -22.64
CA MET A 83 -5.45 11.75 -22.63
C MET A 83 -5.26 12.40 -21.26
N ASN A 84 -5.29 11.56 -20.22
CA ASN A 84 -4.92 11.96 -18.87
C ASN A 84 -3.48 12.49 -18.77
N LEU A 85 -2.58 11.89 -19.56
CA LEU A 85 -1.20 12.38 -19.67
C LEU A 85 -1.21 13.79 -20.27
N LEU A 86 -1.97 13.96 -21.35
CA LEU A 86 -2.09 15.24 -22.05
C LEU A 86 -2.71 16.33 -21.16
N LEU A 87 -3.82 16.00 -20.50
CA LEU A 87 -4.49 16.95 -19.61
C LEU A 87 -3.56 17.41 -18.49
N ARG A 88 -2.89 16.45 -17.87
CA ARG A 88 -1.88 16.71 -16.85
C ARG A 88 -0.72 17.56 -17.38
N LYS A 89 -0.27 17.25 -18.59
CA LYS A 89 0.80 18.02 -19.24
C LYS A 89 0.36 19.43 -19.61
N THR A 90 -0.80 19.52 -20.26
CA THR A 90 -1.33 20.79 -20.76
C THR A 90 -1.51 21.84 -19.65
N PHE A 91 -2.22 21.47 -18.58
CA PHE A 91 -2.57 22.40 -17.49
C PHE A 91 -1.67 22.33 -16.26
N ASP A 92 -0.59 21.56 -16.36
CA ASP A 92 0.36 21.34 -15.26
C ASP A 92 -0.37 20.88 -13.99
N LEU A 93 -1.23 19.88 -14.15
CA LEU A 93 -1.98 19.30 -13.03
C LEU A 93 -1.01 18.59 -12.09
N TYR A 94 -0.63 19.29 -11.02
CA TYR A 94 0.53 18.91 -10.20
C TYR A 94 0.17 18.31 -8.84
N ALA A 95 -1.12 18.14 -8.58
CA ALA A 95 -1.62 17.70 -7.29
C ALA A 95 -2.90 16.91 -7.48
N ASN A 96 -2.83 15.60 -7.27
CA ASN A 96 -4.01 14.74 -7.28
C ASN A 96 -4.51 14.62 -5.85
N VAL A 97 -5.82 14.81 -5.68
CA VAL A 97 -6.49 14.82 -4.38
C VAL A 97 -7.63 13.79 -4.45
N ARG A 98 -7.59 12.80 -3.55
CA ARG A 98 -8.64 11.81 -3.43
C ARG A 98 -9.13 11.74 -1.99
N PRO A 99 -10.35 12.27 -1.72
CA PRO A 99 -10.96 12.14 -0.39
C PRO A 99 -11.75 10.85 -0.33
N CYS A 100 -11.54 10.09 0.74
CA CYS A 100 -12.20 8.81 0.94
C CYS A 100 -12.91 8.91 2.27
N VAL A 101 -14.23 8.70 2.22
CA VAL A 101 -15.11 8.78 3.39
C VAL A 101 -16.07 7.61 3.30
N SER A 102 -16.21 6.85 4.38
CA SER A 102 -17.15 5.72 4.42
C SER A 102 -18.56 6.23 4.12
N ILE A 103 -19.29 5.49 3.29
CA ILE A 103 -20.66 5.84 2.91
C ILE A 103 -21.64 5.10 3.81
N GLU A 104 -22.53 5.87 4.44
CA GLU A 104 -23.44 5.37 5.47
C GLU A 104 -24.17 4.10 5.04
N GLY A 105 -24.80 4.18 3.87
CA GLY A 105 -25.54 3.04 3.31
C GLY A 105 -24.74 1.92 2.67
N TYR A 106 -23.47 2.19 2.32
CA TYR A 106 -22.65 1.20 1.60
C TYR A 106 -21.72 0.43 2.52
N LYS A 107 -21.95 -0.88 2.61
CA LYS A 107 -21.32 -1.73 3.61
C LYS A 107 -19.98 -2.29 3.16
N THR A 108 -18.91 -1.73 3.73
CA THR A 108 -17.59 -2.36 3.75
C THR A 108 -17.22 -2.58 5.20
N PRO A 109 -16.23 -3.44 5.49
CA PRO A 109 -15.79 -3.61 6.88
C PRO A 109 -15.08 -2.41 7.53
N TYR A 110 -14.86 -1.34 6.76
CA TYR A 110 -14.27 -0.11 7.24
C TYR A 110 -15.32 1.01 7.19
N THR A 111 -15.78 1.42 8.37
CA THR A 111 -16.84 2.42 8.51
C THR A 111 -16.36 3.78 9.05
N ASP A 112 -15.18 3.81 9.66
CA ASP A 112 -14.65 5.00 10.34
C ASP A 112 -13.73 5.84 9.43
N VAL A 113 -13.86 5.67 8.11
CA VAL A 113 -12.85 6.14 7.18
C VAL A 113 -13.15 7.56 6.76
N ASN A 114 -12.16 8.43 6.94
CA ASN A 114 -12.22 9.81 6.46
C ASN A 114 -10.81 10.30 6.21
N ILE A 115 -10.30 9.97 5.02
CA ILE A 115 -8.90 10.23 4.66
C ILE A 115 -8.86 10.97 3.34
N VAL A 116 -7.93 11.92 3.23
CA VAL A 116 -7.63 12.59 1.98
C VAL A 116 -6.17 12.35 1.61
N THR A 117 -5.94 11.74 0.44
CA THR A 117 -4.61 11.53 -0.07
C THR A 117 -4.27 12.65 -1.03
N ILE A 118 -3.08 13.23 -0.87
CA ILE A 118 -2.61 14.31 -1.72
C ILE A 118 -1.31 13.83 -2.35
N ARG A 119 -1.31 13.74 -3.67
CA ARG A 119 -0.29 13.00 -4.39
C ARG A 119 0.37 13.85 -5.47
N GLU A 120 1.69 13.97 -5.40
CA GLU A 120 2.45 14.70 -6.42
C GLU A 120 2.13 14.06 -7.78
N ASN A 121 1.96 14.88 -8.81
CA ASN A 121 1.37 14.43 -10.08
C ASN A 121 2.12 14.89 -11.35
N THR A 122 3.39 15.25 -11.22
CA THR A 122 4.22 15.61 -12.38
C THR A 122 5.46 14.75 -12.61
N GLU A 123 6.06 14.19 -11.55
CA GLU A 123 7.37 13.52 -11.68
C GLU A 123 7.34 12.07 -11.11
N GLY A 124 8.44 11.59 -10.52
CA GLY A 124 8.51 10.19 -10.07
C GLY A 124 8.36 9.24 -11.22
N GLU A 125 7.41 8.30 -11.12
CA GLU A 125 7.14 7.34 -12.19
C GLU A 125 6.67 7.96 -13.51
N TYR A 126 6.01 9.14 -13.45
CA TYR A 126 5.65 9.88 -14.67
C TYR A 126 6.88 10.32 -15.47
N SER A 127 8.00 10.57 -14.81
CA SER A 127 9.27 10.87 -15.49
C SER A 127 9.98 9.62 -16.05
N GLY A 128 9.31 8.46 -15.96
CA GLY A 128 9.92 7.16 -16.07
C GLY A 128 10.47 6.80 -17.43
N ILE A 129 11.73 6.39 -17.43
CA ILE A 129 12.40 5.82 -18.58
C ILE A 129 12.90 4.44 -18.18
N GLU A 130 12.53 3.43 -18.98
CA GLU A 130 13.11 2.09 -18.88
C GLU A 130 13.95 1.76 -20.11
N HIS A 131 14.97 0.93 -19.90
CA HIS A 131 15.79 0.41 -21.01
C HIS A 131 16.54 -0.86 -20.61
N VAL A 132 16.96 -1.61 -21.64
CA VAL A 132 17.72 -2.85 -21.48
C VAL A 132 19.19 -2.50 -21.34
N ILE A 133 19.79 -2.81 -20.19
CA ILE A 133 21.21 -2.62 -19.96
C ILE A 133 21.99 -3.67 -20.71
N VAL A 134 21.75 -4.93 -20.35
CA VAL A 134 22.23 -6.10 -21.07
C VAL A 134 21.09 -7.11 -21.08
N ASP A 135 21.27 -8.18 -21.83
CA ASP A 135 20.29 -9.23 -21.94
C ASP A 135 19.81 -9.68 -20.57
N GLY A 136 18.53 -9.46 -20.32
CA GLY A 136 17.86 -9.86 -19.09
C GLY A 136 18.09 -8.92 -17.92
N VAL A 137 18.38 -7.65 -18.19
CA VAL A 137 18.62 -6.65 -17.13
C VAL A 137 17.98 -5.33 -17.59
N VAL A 138 16.95 -4.91 -16.88
CA VAL A 138 16.25 -3.67 -17.20
C VAL A 138 16.55 -2.66 -16.11
N GLN A 139 16.94 -1.45 -16.50
CA GLN A 139 17.10 -0.35 -15.55
C GLN A 139 15.94 0.63 -15.71
N SER A 140 15.40 1.14 -14.61
CA SER A 140 14.44 2.24 -14.66
C SER A 140 15.12 3.52 -14.17
N ILE A 141 14.82 4.63 -14.82
CA ILE A 141 15.31 5.96 -14.42
C ILE A 141 14.09 6.79 -13.98
N LYS A 142 14.19 7.41 -12.81
CA LYS A 142 13.11 8.25 -12.24
C LYS A 142 13.69 9.51 -11.61
N LEU A 143 12.89 10.57 -11.58
CA LEU A 143 13.32 11.89 -11.09
C LEU A 143 12.44 12.39 -9.96
N ILE A 144 13.08 13.08 -9.01
CA ILE A 144 12.40 13.83 -7.96
C ILE A 144 13.10 15.20 -7.89
N THR A 145 12.30 16.27 -7.90
CA THR A 145 12.83 17.64 -7.87
C THR A 145 12.47 18.36 -6.56
N GLU A 146 13.36 19.24 -6.15
CA GLU A 146 13.12 20.11 -4.99
C GLU A 146 11.88 20.98 -5.19
N GLY A 147 11.78 21.56 -6.38
CA GLY A 147 10.63 22.39 -6.77
C GLY A 147 9.29 21.71 -6.61
N ALA A 148 9.13 20.60 -7.30
CA ALA A 148 7.87 19.85 -7.28
C ALA A 148 7.51 19.26 -5.92
N SER A 149 8.52 18.97 -5.12
CA SER A 149 8.34 18.53 -3.73
C SER A 149 7.83 19.66 -2.84
N LYS A 150 8.50 20.81 -2.92
CA LYS A 150 8.08 22.03 -2.23
C LYS A 150 6.64 22.39 -2.61
N ARG A 151 6.36 22.36 -3.90
CA ARG A 151 5.04 22.71 -4.44
C ARG A 151 3.90 21.86 -3.87
N ILE A 152 4.06 20.55 -3.91
CA ILE A 152 3.03 19.62 -3.40
C ILE A 152 2.89 19.70 -1.89
N ALA A 153 4.00 19.96 -1.19
CA ALA A 153 3.99 20.10 0.26
C ALA A 153 3.15 21.30 0.69
N GLU A 154 3.48 22.48 0.16
CA GLU A 154 2.73 23.72 0.43
C GLU A 154 1.26 23.55 0.14
N PHE A 155 0.95 22.97 -1.02
CA PHE A 155 -0.43 22.64 -1.38
C PHE A 155 -1.16 21.83 -0.31
N ALA A 156 -0.49 20.81 0.21
CA ALA A 156 -1.12 19.88 1.17
C ALA A 156 -1.59 20.58 2.45
N PHE A 157 -0.77 21.49 2.95
CA PHE A 157 -1.12 22.29 4.13
C PHE A 157 -2.20 23.30 3.79
N GLU A 158 -2.02 24.03 2.69
CA GLU A 158 -3.06 24.90 2.14
C GLU A 158 -4.41 24.17 2.03
N TYR A 159 -4.41 22.95 1.51
CA TYR A 159 -5.63 22.14 1.41
C TYR A 159 -6.23 21.86 2.78
N ALA A 160 -5.36 21.54 3.73
CA ALA A 160 -5.77 21.13 5.08
C ALA A 160 -6.36 22.29 5.86
N ARG A 161 -5.73 23.46 5.75
CA ARG A 161 -6.24 24.68 6.37
C ARG A 161 -7.61 25.03 5.77
N ASN A 162 -7.67 25.10 4.45
CA ASN A 162 -8.89 25.51 3.74
C ASN A 162 -10.03 24.50 3.83
N ASN A 163 -9.75 23.24 4.20
CA ASN A 163 -10.80 22.22 4.39
C ASN A 163 -10.92 21.70 5.83
N HIS A 164 -10.38 22.46 6.78
CA HIS A 164 -10.53 22.21 8.23
C HIS A 164 -10.06 20.82 8.62
N ARG A 165 -8.80 20.56 8.32
CA ARG A 165 -8.15 19.28 8.56
C ARG A 165 -7.03 19.49 9.55
N SER A 166 -6.97 18.63 10.56
CA SER A 166 -6.09 18.85 11.71
C SER A 166 -4.67 18.33 11.47
N ASN A 167 -4.55 17.13 10.91
CA ASN A 167 -3.26 16.45 10.76
C ASN A 167 -2.85 16.22 9.29
N VAL A 168 -1.58 16.46 9.00
CA VAL A 168 -0.97 16.05 7.73
C VAL A 168 0.15 15.03 8.00
N THR A 169 0.05 13.85 7.38
CA THR A 169 1.10 12.82 7.45
C THR A 169 1.85 12.70 6.13
N ALA A 170 3.15 12.90 6.17
CA ALA A 170 4.04 12.65 5.03
C ALA A 170 4.34 11.16 4.95
N VAL A 171 4.08 10.56 3.79
CA VAL A 171 4.23 9.11 3.58
C VAL A 171 5.42 8.84 2.65
N HIS A 172 6.39 8.08 3.14
CA HIS A 172 7.69 7.96 2.49
C HIS A 172 8.36 6.58 2.73
N LYS A 173 9.50 6.37 2.07
CA LYS A 173 10.44 5.24 2.32
C LYS A 173 11.88 5.76 2.31
N ALA A 174 12.08 6.87 2.99
CA ALA A 174 13.39 7.54 3.09
C ALA A 174 14.46 6.67 3.75
N ASN A 175 14.05 5.66 4.49
CA ASN A 175 14.98 4.68 5.04
C ASN A 175 15.72 3.88 3.97
N ILE A 176 15.09 3.66 2.82
CA ILE A 176 15.70 3.04 1.66
C ILE A 176 16.09 4.11 0.61
N MET A 177 15.13 4.92 0.17
CA MET A 177 15.38 5.98 -0.82
C MET A 177 15.78 7.28 -0.10
N ARG A 178 16.97 7.24 0.48
CA ARG A 178 17.45 8.35 1.29
C ARG A 178 17.45 9.67 0.55
N MET A 179 18.03 9.67 -0.63
CA MET A 179 18.23 10.90 -1.36
C MET A 179 16.90 11.46 -1.87
N SER A 180 16.09 10.63 -2.52
CA SER A 180 14.88 11.11 -3.19
C SER A 180 13.67 11.33 -2.24
N ASP A 181 13.35 10.37 -1.39
CA ASP A 181 12.29 10.56 -0.36
C ASP A 181 12.75 11.46 0.81
N GLY A 182 14.06 11.51 1.06
CA GLY A 182 14.60 12.43 2.06
C GLY A 182 14.45 13.87 1.64
N LEU A 183 14.65 14.14 0.35
CA LEU A 183 14.42 15.46 -0.21
C LEU A 183 12.96 15.83 -0.01
N PHE A 184 12.06 14.97 -0.49
CA PHE A 184 10.63 15.12 -0.24
C PHE A 184 10.33 15.46 1.22
N LEU A 185 10.95 14.72 2.14
CA LEU A 185 10.73 14.94 3.57
C LEU A 185 11.21 16.29 4.06
N GLN A 186 12.36 16.73 3.57
CA GLN A 186 12.96 17.99 3.98
C GLN A 186 12.13 19.20 3.53
N LYS A 187 11.46 19.07 2.38
CA LYS A 187 10.59 20.12 1.88
C LYS A 187 9.27 20.17 2.62
N CYS A 188 8.79 19.01 3.08
CA CYS A 188 7.60 18.94 3.93
C CYS A 188 7.80 19.55 5.31
N ARG A 189 9.01 19.43 5.85
CA ARG A 189 9.34 20.01 7.16
C ARG A 189 9.38 21.53 7.14
N GLU A 190 10.00 22.08 6.09
CA GLU A 190 10.03 23.53 5.87
C GLU A 190 8.63 24.16 5.78
N VAL A 191 7.71 23.47 5.11
CA VAL A 191 6.31 23.88 5.04
C VAL A 191 5.62 23.73 6.41
N ALA A 192 5.94 22.66 7.12
CA ALA A 192 5.39 22.41 8.45
C ALA A 192 5.87 23.44 9.50
N GLU A 193 7.10 23.93 9.33
CA GLU A 193 7.64 25.06 10.12
C GLU A 193 6.80 26.34 10.00
N SER A 194 6.34 26.62 8.78
CA SER A 194 5.50 27.80 8.50
C SER A 194 4.12 27.61 9.09
N CYS A 195 3.49 26.49 8.75
CA CYS A 195 2.10 26.19 9.10
C CYS A 195 2.02 25.41 10.40
N LYS A 196 2.59 25.97 11.48
CA LYS A 196 2.58 25.35 12.80
C LYS A 196 1.17 25.03 13.34
N ASP A 197 0.15 25.72 12.83
CA ASP A 197 -1.26 25.40 13.15
C ASP A 197 -1.74 24.00 12.77
N ILE A 198 -1.10 23.36 11.79
CA ILE A 198 -1.47 21.98 11.37
C ILE A 198 -0.52 20.95 12.00
N LYS A 199 -1.07 19.87 12.55
CA LYS A 199 -0.28 18.81 13.18
C LYS A 199 0.41 18.01 12.09
N PHE A 200 1.73 17.92 12.14
CA PHE A 200 2.48 17.23 11.11
C PHE A 200 3.19 16.03 11.70
N ASN A 201 3.12 14.90 10.99
CA ASN A 201 3.97 13.74 11.29
C ASN A 201 4.42 13.06 10.00
N GLU A 202 5.30 12.06 10.15
CA GLU A 202 5.80 11.27 9.02
C GLU A 202 5.81 9.79 9.36
N MET A 203 5.55 8.97 8.34
CA MET A 203 5.38 7.54 8.54
C MET A 203 5.82 6.79 7.29
N TYR A 204 6.51 5.67 7.49
CA TYR A 204 6.92 4.82 6.39
C TYR A 204 5.70 4.27 5.67
N LEU A 205 5.80 4.17 4.35
CA LEU A 205 4.72 3.70 3.50
C LEU A 205 4.17 2.35 3.97
N ASP A 206 5.07 1.44 4.31
CA ASP A 206 4.67 0.10 4.77
C ASP A 206 3.96 0.11 6.12
N THR A 207 4.40 0.98 7.01
CA THR A 207 3.70 1.17 8.28
C THR A 207 2.33 1.80 8.06
N VAL A 208 2.26 2.82 7.21
CA VAL A 208 0.97 3.40 6.83
C VAL A 208 0.04 2.27 6.37
N CYS A 209 0.50 1.49 5.41
CA CYS A 209 -0.28 0.36 4.90
C CYS A 209 -0.70 -0.61 5.99
N LEU A 210 0.24 -0.97 6.85
CA LEU A 210 -0.02 -1.89 7.96
C LEU A 210 -1.12 -1.39 8.91
N ASN A 211 -0.99 -0.14 9.33
CA ASN A 211 -1.97 0.51 10.22
C ASN A 211 -3.30 0.82 9.53
N MET A 212 -3.22 1.29 8.29
CA MET A 212 -4.41 1.61 7.49
C MET A 212 -5.50 0.55 7.53
N VAL A 213 -5.11 -0.71 7.40
CA VAL A 213 -6.07 -1.82 7.25
C VAL A 213 -6.52 -2.36 8.61
N GLN A 214 -5.88 -1.87 9.68
CA GLN A 214 -6.25 -2.21 11.05
C GLN A 214 -7.19 -1.16 11.62
N ASP A 215 -6.77 0.10 11.55
CA ASP A 215 -7.57 1.20 12.01
C ASP A 215 -7.31 2.46 11.17
N PRO A 216 -8.10 2.65 10.08
CA PRO A 216 -7.89 3.80 9.18
C PRO A 216 -8.28 5.15 9.77
N SER A 217 -9.11 5.15 10.82
CA SER A 217 -9.51 6.38 11.51
C SER A 217 -8.35 7.21 12.06
N GLN A 218 -7.20 6.59 12.32
CA GLN A 218 -6.02 7.32 12.82
C GLN A 218 -5.43 8.31 11.80
N PHE A 219 -5.76 8.16 10.53
CA PHE A 219 -5.18 8.99 9.46
C PHE A 219 -6.14 10.07 8.99
N ASP A 220 -5.55 11.21 8.63
CA ASP A 220 -6.29 12.39 8.23
C ASP A 220 -5.92 12.76 6.78
N VAL A 221 -4.95 13.66 6.59
CA VAL A 221 -4.44 13.96 5.25
C VAL A 221 -3.07 13.31 5.03
N LEU A 222 -2.93 12.59 3.92
CA LEU A 222 -1.70 11.91 3.56
C LEU A 222 -1.06 12.59 2.36
N VAL A 223 0.11 13.20 2.57
CA VAL A 223 0.90 13.76 1.46
C VAL A 223 2.01 12.79 1.05
N MET A 224 2.20 12.61 -0.26
CA MET A 224 3.18 11.66 -0.76
C MET A 224 3.68 12.02 -2.15
N PRO A 225 4.93 11.63 -2.47
CA PRO A 225 5.36 11.83 -3.84
C PRO A 225 4.77 10.75 -4.76
N ASN A 226 5.16 10.83 -6.03
CA ASN A 226 4.72 9.89 -7.06
C ASN A 226 5.74 8.77 -7.34
N LEU A 227 6.90 8.82 -6.68
CA LEU A 227 7.99 7.86 -6.91
C LEU A 227 7.55 6.39 -6.98
N TYR A 228 6.59 5.99 -6.15
CA TYR A 228 6.02 4.63 -6.15
C TYR A 228 4.63 4.56 -6.79
N GLY A 229 4.07 5.71 -7.13
CA GLY A 229 2.81 5.80 -7.86
C GLY A 229 1.64 6.14 -6.96
N ASP A 230 0.48 5.62 -7.35
CA ASP A 230 -0.82 5.99 -6.76
C ASP A 230 -1.40 4.90 -5.88
N ILE A 231 -0.55 3.93 -5.49
CA ILE A 231 -0.99 2.63 -4.93
C ILE A 231 -1.78 2.84 -3.66
N LEU A 232 -1.34 3.78 -2.84
CA LEU A 232 -1.97 4.05 -1.57
C LEU A 232 -3.37 4.64 -1.73
N SER A 233 -3.56 5.48 -2.74
CA SER A 233 -4.90 6.02 -3.06
C SER A 233 -5.90 4.94 -3.41
N ASP A 234 -5.47 3.94 -4.16
CA ASP A 234 -6.36 2.85 -4.53
C ASP A 234 -6.70 2.01 -3.32
N LEU A 235 -5.74 1.81 -2.43
CA LEU A 235 -5.97 1.09 -1.19
C LEU A 235 -7.04 1.79 -0.35
N CYS A 236 -6.83 3.09 -0.09
CA CYS A 236 -7.82 3.90 0.63
C CYS A 236 -9.21 3.84 0.03
N ALA A 237 -9.30 3.96 -1.30
CA ALA A 237 -10.56 3.80 -2.02
C ALA A 237 -11.16 2.42 -1.80
N GLY A 238 -10.30 1.40 -1.77
CA GLY A 238 -10.72 0.03 -1.51
C GLY A 238 -11.42 -0.16 -0.18
N LEU A 239 -11.06 0.67 0.80
CA LEU A 239 -11.66 0.62 2.14
C LEU A 239 -13.11 1.09 2.17
N ILE A 240 -13.40 2.12 1.37
CA ILE A 240 -14.74 2.72 1.33
C ILE A 240 -15.72 2.11 0.31
N GLY A 241 -15.22 1.23 -0.56
CA GLY A 241 -16.09 0.50 -1.51
C GLY A 241 -15.62 0.41 -2.96
N GLY A 242 -14.58 1.16 -3.32
CA GLY A 242 -13.94 1.02 -4.62
C GLY A 242 -13.94 2.31 -5.41
N LEU A 243 -13.46 2.24 -6.65
CA LEU A 243 -13.41 3.38 -7.57
C LEU A 243 -14.79 3.80 -8.10
N GLY A 244 -15.78 2.90 -7.98
CA GLY A 244 -17.16 3.21 -8.35
C GLY A 244 -17.86 4.27 -7.51
N VAL A 245 -17.31 4.59 -6.33
CA VAL A 245 -17.88 5.60 -5.43
C VAL A 245 -16.83 6.62 -4.93
N THR A 246 -15.69 6.69 -5.61
CA THR A 246 -14.60 7.50 -5.12
C THR A 246 -14.48 8.77 -5.95
N PRO A 247 -14.55 9.93 -5.27
CA PRO A 247 -14.33 11.20 -5.95
C PRO A 247 -12.85 11.48 -6.09
N SER A 248 -12.50 12.34 -7.05
CA SER A 248 -11.12 12.71 -7.31
C SER A 248 -11.04 14.04 -8.03
N GLY A 249 -9.94 14.76 -7.81
CA GLY A 249 -9.71 16.06 -8.45
C GLY A 249 -8.24 16.37 -8.63
N ASN A 250 -7.91 17.03 -9.74
CA ASN A 250 -6.54 17.46 -10.03
C ASN A 250 -6.45 18.98 -10.07
N ILE A 251 -5.45 19.54 -9.41
CA ILE A 251 -5.24 20.99 -9.35
C ILE A 251 -3.98 21.37 -10.13
N GLY A 252 -4.17 22.22 -11.14
CA GLY A 252 -3.07 22.71 -11.99
C GLY A 252 -2.62 24.13 -11.69
N ALA A 253 -1.79 24.66 -12.59
CA ALA A 253 -1.34 26.05 -12.55
C ALA A 253 -2.36 26.95 -13.23
N ASN A 254 -2.24 28.25 -12.95
CA ASN A 254 -3.20 29.27 -13.41
C ASN A 254 -4.63 28.94 -12.97
N GLY A 255 -4.77 28.63 -11.67
CA GLY A 255 -6.08 28.29 -11.07
C GLY A 255 -6.93 27.25 -11.77
N VAL A 256 -6.31 26.37 -12.57
CA VAL A 256 -7.05 25.31 -13.25
C VAL A 256 -7.31 24.19 -12.25
N ALA A 257 -8.42 23.51 -12.42
CA ALA A 257 -8.76 22.34 -11.60
C ALA A 257 -9.74 21.46 -12.35
N ILE A 258 -9.42 20.18 -12.46
CA ILE A 258 -10.27 19.22 -13.15
C ILE A 258 -10.67 18.15 -12.15
N PHE A 259 -11.96 17.87 -12.08
CA PHE A 259 -12.52 16.88 -11.17
C PHE A 259 -13.05 15.78 -12.05
N GLU A 260 -12.99 14.56 -11.55
CA GLU A 260 -13.09 13.38 -12.41
C GLU A 260 -13.55 12.17 -11.63
N SER A 261 -14.04 11.19 -12.38
CA SER A 261 -14.19 9.83 -11.86
C SER A 261 -12.91 9.09 -12.20
N VAL A 262 -12.59 8.08 -11.40
CA VAL A 262 -11.41 7.24 -11.63
C VAL A 262 -11.80 5.78 -11.86
N HIS A 263 -13.08 5.53 -12.14
CA HIS A 263 -13.54 4.18 -12.48
C HIS A 263 -13.36 3.95 -13.98
N GLY A 264 -13.63 2.71 -14.41
CA GLY A 264 -13.55 2.34 -15.81
C GLY A 264 -14.62 2.94 -16.69
N THR A 265 -14.46 2.70 -17.98
CA THR A 265 -15.38 3.17 -19.02
C THR A 265 -16.68 2.33 -19.06
N ALA A 266 -16.62 1.10 -18.53
CA ALA A 266 -17.77 0.17 -18.48
C ALA A 266 -18.39 -0.09 -19.86
N PRO A 267 -17.60 -0.65 -20.80
CA PRO A 267 -18.11 -0.90 -22.15
C PRO A 267 -19.30 -1.87 -22.19
N ASP A 268 -19.28 -2.87 -21.30
CA ASP A 268 -20.30 -3.92 -21.24
C ASP A 268 -21.74 -3.43 -21.02
N ILE A 269 -21.89 -2.33 -20.28
CA ILE A 269 -23.21 -1.69 -20.06
C ILE A 269 -23.18 -0.21 -20.48
N ALA A 270 -22.40 0.07 -21.53
CA ALA A 270 -22.22 1.42 -22.05
C ALA A 270 -23.42 1.96 -22.83
N GLY A 271 -24.40 1.10 -23.14
CA GLY A 271 -25.67 1.51 -23.75
C GLY A 271 -26.90 1.39 -22.87
N LYS A 272 -26.79 0.68 -21.75
CA LYS A 272 -27.97 0.28 -20.95
C LYS A 272 -28.32 1.40 -19.96
N ASP A 273 -29.19 1.09 -18.98
CA ASP A 273 -29.53 2.01 -17.88
C ASP A 273 -28.99 1.54 -16.50
N MET A 274 -28.00 0.64 -16.51
CA MET A 274 -27.51 0.02 -15.27
C MET A 274 -26.48 0.86 -14.48
N ALA A 275 -25.94 1.93 -15.09
CA ALA A 275 -24.81 2.70 -14.52
C ALA A 275 -25.06 3.34 -13.14
N ASN A 276 -23.98 3.79 -12.51
CA ASN A 276 -24.00 4.42 -11.17
C ASN A 276 -23.13 5.67 -11.14
N PRO A 277 -23.74 6.87 -11.02
CA PRO A 277 -23.02 8.14 -11.13
C PRO A 277 -22.48 8.74 -9.82
N THR A 278 -22.48 7.95 -8.74
CA THR A 278 -22.06 8.42 -7.42
C THR A 278 -20.69 9.09 -7.44
N ALA A 279 -19.71 8.40 -8.02
CA ALA A 279 -18.33 8.89 -8.02
C ALA A 279 -18.23 10.23 -8.75
N LEU A 280 -18.73 10.27 -9.97
CA LEU A 280 -18.71 11.52 -10.76
C LEU A 280 -19.49 12.63 -10.06
N LEU A 281 -20.63 12.27 -9.45
CA LEU A 281 -21.41 13.21 -8.65
C LEU A 281 -20.57 13.84 -7.53
N LEU A 282 -19.93 12.99 -6.72
CA LEU A 282 -19.11 13.48 -5.60
C LEU A 282 -17.86 14.28 -6.01
N SER A 283 -17.35 14.01 -7.21
CA SER A 283 -16.24 14.80 -7.76
C SER A 283 -16.74 16.20 -8.10
N ALA A 284 -17.97 16.26 -8.63
CA ALA A 284 -18.67 17.52 -8.87
C ALA A 284 -18.94 18.25 -7.56
N VAL A 285 -19.39 17.51 -6.55
CA VAL A 285 -19.55 18.07 -5.19
C VAL A 285 -18.22 18.68 -4.70
N MET A 286 -17.13 17.96 -4.96
CA MET A 286 -15.78 18.43 -4.63
C MET A 286 -15.45 19.72 -5.39
N MET A 287 -15.83 19.75 -6.66
CA MET A 287 -15.67 20.94 -7.53
C MET A 287 -16.38 22.18 -6.98
N LEU A 288 -17.65 22.01 -6.60
CA LEU A 288 -18.44 23.10 -6.01
C LEU A 288 -17.74 23.71 -4.81
N ARG A 289 -17.27 22.83 -3.91
CA ARG A 289 -16.50 23.23 -2.73
C ARG A 289 -15.20 23.94 -3.08
N HIS A 290 -14.54 23.51 -4.15
CA HIS A 290 -13.33 24.19 -4.63
C HIS A 290 -13.60 25.61 -5.14
N MET A 291 -14.75 25.80 -5.77
CA MET A 291 -15.21 27.14 -6.21
C MET A 291 -15.59 28.05 -5.03
N GLY A 292 -16.18 27.45 -4.00
CA GLY A 292 -16.75 28.18 -2.85
C GLY A 292 -18.26 28.03 -2.69
N LEU A 293 -18.87 27.17 -3.50
CA LEU A 293 -20.33 26.96 -3.50
C LEU A 293 -20.72 25.89 -2.51
N PHE A 294 -20.45 26.18 -1.23
CA PHE A 294 -20.54 25.18 -0.17
C PHE A 294 -21.98 24.74 0.13
N ASP A 295 -22.92 25.66 -0.04
CA ASP A 295 -24.34 25.42 0.28
C ASP A 295 -24.91 24.32 -0.60
N HIS A 296 -24.68 24.45 -1.89
CA HIS A 296 -25.24 23.51 -2.87
C HIS A 296 -24.50 22.18 -2.80
N ALA A 297 -23.17 22.27 -2.66
CA ALA A 297 -22.31 21.11 -2.43
C ALA A 297 -22.90 20.21 -1.34
N ALA A 298 -23.09 20.79 -0.16
CA ALA A 298 -23.66 20.06 1.00
C ALA A 298 -25.00 19.41 0.74
N ARG A 299 -25.87 20.12 0.01
CA ARG A 299 -27.25 19.67 -0.25
C ARG A 299 -27.29 18.52 -1.26
N ILE A 300 -26.46 18.61 -2.31
CA ILE A 300 -26.34 17.52 -3.28
C ILE A 300 -25.67 16.30 -2.62
N GLU A 301 -24.60 16.57 -1.87
CA GLU A 301 -23.89 15.54 -1.11
C GLU A 301 -24.83 14.76 -0.20
N ALA A 302 -25.53 15.49 0.67
CA ALA A 302 -26.43 14.89 1.65
C ALA A 302 -27.60 14.14 1.00
N ALA A 303 -28.07 14.67 -0.13
CA ALA A 303 -29.13 14.03 -0.92
C ALA A 303 -28.67 12.66 -1.40
N CYS A 304 -27.48 12.63 -1.98
CA CYS A 304 -26.85 11.39 -2.41
C CYS A 304 -26.72 10.38 -1.27
N PHE A 305 -26.17 10.82 -0.13
CA PHE A 305 -25.94 9.91 1.00
C PHE A 305 -27.22 9.34 1.59
N ALA A 306 -28.23 10.19 1.73
CA ALA A 306 -29.55 9.77 2.24
C ALA A 306 -30.22 8.78 1.30
N THR A 307 -30.06 9.03 -0.01
CA THR A 307 -30.55 8.09 -1.05
C THR A 307 -29.84 6.74 -0.97
N ILE A 308 -28.55 6.76 -0.68
CA ILE A 308 -27.78 5.53 -0.53
C ILE A 308 -28.18 4.82 0.76
N LYS A 309 -28.35 5.58 1.84
CA LYS A 309 -28.75 5.01 3.14
C LYS A 309 -30.10 4.26 3.13
N ASP A 310 -31.01 4.61 2.22
CA ASP A 310 -32.36 4.03 2.19
C ASP A 310 -32.39 2.50 1.97
N GLY A 311 -31.54 1.99 1.08
CA GLY A 311 -31.46 0.55 0.78
C GLY A 311 -32.45 -0.01 -0.23
N LYS A 312 -33.51 0.75 -0.53
CA LYS A 312 -34.55 0.35 -1.50
C LYS A 312 -34.34 0.90 -2.92
N SER A 313 -33.43 1.86 -3.08
CA SER A 313 -33.11 2.45 -4.39
C SER A 313 -31.60 2.51 -4.58
N LEU A 314 -31.05 1.42 -5.09
CA LEU A 314 -29.63 1.30 -5.44
C LEU A 314 -29.48 0.79 -6.86
N THR A 315 -28.31 1.02 -7.46
CA THR A 315 -27.98 0.47 -8.77
C THR A 315 -27.68 -1.04 -8.65
N LYS A 316 -27.40 -1.71 -9.77
CA LYS A 316 -27.11 -3.16 -9.76
C LYS A 316 -25.73 -3.54 -9.18
N ASP A 317 -24.83 -2.56 -9.02
CA ASP A 317 -23.46 -2.81 -8.53
C ASP A 317 -23.28 -2.67 -7.00
N LEU A 318 -24.06 -1.80 -6.37
CA LEU A 318 -23.94 -1.53 -4.91
C LEU A 318 -24.39 -2.65 -3.92
N GLY A 320 -28.70 -3.18 -5.65
CA GLY A 320 -30.06 -3.69 -5.71
C GLY A 320 -30.39 -4.14 -7.12
N ASN A 321 -31.58 -3.77 -7.61
CA ASN A 321 -31.96 -3.98 -9.02
C ASN A 321 -32.43 -2.72 -9.77
N ALA A 322 -32.54 -1.58 -9.09
CA ALA A 322 -33.09 -0.36 -9.69
C ALA A 322 -32.15 0.25 -10.71
N LYS A 323 -32.72 0.80 -11.78
CA LYS A 323 -31.95 1.39 -12.88
C LYS A 323 -31.31 2.72 -12.45
N CYS A 324 -30.46 3.27 -13.32
CA CYS A 324 -29.74 4.52 -13.04
C CYS A 324 -30.66 5.72 -12.86
N SER A 325 -31.59 5.90 -13.79
CA SER A 325 -32.53 7.02 -13.77
C SER A 325 -33.44 7.03 -12.54
N ASP A 326 -33.79 5.84 -12.03
CA ASP A 326 -34.54 5.70 -10.77
C ASP A 326 -33.72 6.28 -9.61
N PHE A 327 -32.47 5.85 -9.52
CA PHE A 327 -31.49 6.33 -8.53
C PHE A 327 -31.23 7.83 -8.68
N THR A 328 -31.06 8.28 -9.92
CA THR A 328 -30.89 9.70 -10.24
C THR A 328 -32.11 10.54 -9.86
N GLU A 329 -33.30 10.02 -10.17
CA GLU A 329 -34.57 10.71 -9.88
C GLU A 329 -34.81 10.78 -8.39
N GLU A 330 -34.53 9.69 -7.67
CA GLU A 330 -34.72 9.65 -6.22
C GLU A 330 -33.79 10.60 -5.46
N ILE A 331 -32.63 10.89 -6.06
CA ILE A 331 -31.75 11.95 -5.54
C ILE A 331 -32.44 13.28 -5.76
N CYS A 332 -32.82 13.56 -7.01
CA CYS A 332 -33.49 14.82 -7.39
C CYS A 332 -34.69 15.19 -6.51
N ARG A 333 -35.52 14.20 -6.18
CA ARG A 333 -36.63 14.36 -5.24
C ARG A 333 -36.16 14.90 -3.89
N ARG A 334 -35.11 14.27 -3.34
CA ARG A 334 -34.51 14.68 -2.04
C ARG A 334 -33.75 16.02 -2.07
N VAL A 335 -33.14 16.34 -3.21
CA VAL A 335 -32.43 17.62 -3.38
C VAL A 335 -33.38 18.79 -3.16
N LYS A 336 -34.56 18.69 -3.78
CA LYS A 336 -35.57 19.75 -3.76
C LYS A 336 -36.05 20.14 -2.35
N ASP A 337 -35.96 19.20 -1.41
CA ASP A 337 -36.16 19.51 0.03
C ASP A 337 -35.00 20.39 0.50
N LEU A 338 -35.23 21.71 0.49
CA LEU A 338 -34.18 22.73 0.59
C LEU A 338 -33.56 22.80 1.98
N ARG B 15 23.51 -31.24 18.36
CA ARG B 15 23.20 -29.82 18.75
C ARG B 15 23.63 -28.80 17.70
N HIS B 16 22.70 -27.92 17.31
CA HIS B 16 22.99 -26.88 16.31
C HIS B 16 23.37 -25.58 16.95
N THR B 17 24.23 -24.84 16.26
CA THR B 17 24.59 -23.48 16.64
C THR B 17 23.91 -22.50 15.69
N VAL B 18 23.21 -21.53 16.25
CA VAL B 18 22.43 -20.56 15.50
C VAL B 18 22.89 -19.17 15.88
N THR B 19 23.21 -18.35 14.87
CA THR B 19 23.50 -16.94 15.11
C THR B 19 22.24 -16.23 15.59
N MET B 20 22.41 -15.29 16.52
CA MET B 20 21.30 -14.51 17.04
C MET B 20 21.68 -13.04 17.02
N ILE B 21 20.94 -12.23 16.26
CA ILE B 21 21.14 -10.80 16.24
C ILE B 21 19.96 -10.15 16.96
N PRO B 22 20.15 -9.69 18.21
CA PRO B 22 19.01 -9.16 18.98
C PRO B 22 18.30 -7.95 18.35
N GLY B 23 19.05 -7.11 17.65
CA GLY B 23 18.50 -5.93 17.02
C GLY B 23 18.14 -4.85 18.03
N ASP B 24 17.36 -3.88 17.56
CA ASP B 24 16.90 -2.75 18.35
C ASP B 24 15.46 -2.96 18.81
N GLY B 25 14.98 -1.99 19.57
CA GLY B 25 13.60 -1.95 20.03
C GLY B 25 13.23 -3.15 20.87
N ILE B 26 12.14 -3.82 20.49
CA ILE B 26 11.63 -5.01 21.19
C ILE B 26 12.43 -6.30 20.96
N GLY B 27 13.42 -6.27 20.06
CA GLY B 27 14.19 -7.45 19.70
C GLY B 27 14.89 -8.17 20.84
N PRO B 28 15.73 -7.46 21.61
CA PRO B 28 16.41 -8.09 22.74
C PRO B 28 15.49 -8.70 23.78
N GLU B 29 14.42 -8.00 24.15
CA GLU B 29 13.51 -8.51 25.17
C GLU B 29 12.80 -9.78 24.69
N LEU B 30 12.43 -9.84 23.42
CA LEU B 30 11.80 -11.04 22.86
C LEU B 30 12.79 -12.19 22.64
N MET B 31 14.04 -11.87 22.33
CA MET B 31 15.06 -12.91 22.24
C MET B 31 15.24 -13.69 23.53
N LEU B 32 15.15 -13.00 24.67
CA LEU B 32 15.24 -13.63 25.99
C LEU B 32 14.14 -14.66 26.15
N HIS B 33 12.93 -14.30 25.75
CA HIS B 33 11.79 -15.21 25.83
C HIS B 33 11.93 -16.40 24.91
N VAL B 34 12.53 -16.21 23.73
CA VAL B 34 12.85 -17.30 22.82
C VAL B 34 13.79 -18.30 23.49
N LYS B 35 14.89 -17.80 24.05
CA LYS B 35 15.85 -18.65 24.76
C LYS B 35 15.17 -19.39 25.90
N SER B 36 14.32 -18.67 26.62
CA SER B 36 13.56 -19.21 27.74
C SER B 36 12.67 -20.36 27.29
N VAL B 37 11.94 -20.15 26.21
CA VAL B 37 11.03 -21.16 25.69
C VAL B 37 11.78 -22.38 25.14
N PHE B 38 12.93 -22.16 24.53
CA PHE B 38 13.78 -23.27 24.03
C PHE B 38 14.31 -24.16 25.16
N ARG B 39 14.75 -23.55 26.26
CA ARG B 39 15.11 -24.29 27.46
C ARG B 39 13.98 -25.18 28.01
N HIS B 40 12.76 -24.65 28.07
CA HIS B 40 11.62 -25.44 28.58
C HIS B 40 11.24 -26.55 27.61
N ALA B 41 11.43 -26.32 26.31
CA ALA B 41 11.19 -27.33 25.29
C ALA B 41 12.38 -28.28 25.05
N CYS B 42 13.54 -27.98 25.66
CA CYS B 42 14.76 -28.81 25.58
C CYS B 42 15.25 -28.86 24.13
N VAL B 43 15.23 -27.70 23.49
CA VAL B 43 15.58 -27.56 22.08
C VAL B 43 17.10 -27.71 21.97
N PRO B 44 17.59 -28.66 21.16
CA PRO B 44 19.03 -28.81 21.02
C PRO B 44 19.65 -27.73 20.12
N VAL B 45 19.57 -26.48 20.56
CA VAL B 45 20.04 -25.34 19.78
C VAL B 45 20.76 -24.39 20.70
N ASP B 46 21.94 -23.95 20.27
CA ASP B 46 22.72 -22.96 20.98
C ASP B 46 22.82 -21.70 20.17
N PHE B 47 22.61 -20.56 20.83
CA PHE B 47 22.62 -19.26 20.21
C PHE B 47 23.95 -18.56 20.40
N GLU B 48 24.52 -18.12 19.30
CA GLU B 48 25.75 -17.36 19.27
C GLU B 48 25.38 -15.90 18.94
N GLU B 49 25.29 -15.06 19.96
CA GLU B 49 24.88 -13.66 19.81
C GLU B 49 25.92 -12.75 19.16
N VAL B 50 25.50 -12.04 18.13
CA VAL B 50 26.30 -11.02 17.47
C VAL B 50 25.48 -9.75 17.47
N HIS B 51 26.08 -8.65 17.87
CA HIS B 51 25.36 -7.38 17.97
C HIS B 51 25.69 -6.51 16.78
N VAL B 52 24.68 -5.78 16.32
CA VAL B 52 24.80 -4.85 15.21
C VAL B 52 24.15 -3.55 15.62
N SER B 53 24.98 -2.61 16.07
CA SER B 53 24.59 -1.21 16.15
C SER B 53 24.20 -0.69 14.76
N SER B 54 23.41 0.37 14.71
CA SER B 54 23.26 1.19 13.50
C SER B 54 24.48 2.13 13.45
N ASN B 55 25.64 1.51 13.25
CA ASN B 55 26.94 2.15 13.45
C ASN B 55 27.41 2.85 12.18
N ALA B 56 28.22 3.89 12.35
CA ALA B 56 28.94 4.51 11.23
C ALA B 56 29.93 3.50 10.64
N ASP B 57 30.57 2.74 11.52
CA ASP B 57 31.43 1.60 11.17
C ASP B 57 30.62 0.48 10.49
N GLU B 58 31.31 -0.36 9.72
CA GLU B 58 30.72 -1.55 9.09
C GLU B 58 31.32 -2.88 9.57
N GLU B 59 32.55 -2.86 10.11
CA GLU B 59 33.22 -4.09 10.63
C GLU B 59 32.32 -5.02 11.47
N ASP B 60 31.32 -4.46 12.17
CA ASP B 60 30.27 -5.24 12.83
C ASP B 60 29.39 -6.03 11.87
N ILE B 61 28.85 -5.34 10.86
CA ILE B 61 28.00 -5.98 9.84
C ILE B 61 28.79 -7.03 9.06
N ARG B 62 30.05 -6.71 8.77
CA ARG B 62 30.95 -7.65 8.11
C ARG B 62 31.15 -8.86 9.03
N ASN B 63 31.30 -8.61 10.33
CA ASN B 63 31.43 -9.67 11.33
C ASN B 63 30.17 -10.51 11.51
N ALA B 64 29.00 -9.86 11.48
CA ALA B 64 27.70 -10.56 11.54
C ALA B 64 27.44 -11.44 10.33
N ILE B 65 27.81 -10.96 9.14
CA ILE B 65 27.75 -11.74 7.91
C ILE B 65 28.58 -13.02 8.05
N MET B 66 29.81 -12.88 8.57
CA MET B 66 30.69 -14.05 8.79
C MET B 66 30.04 -15.08 9.69
N ALA B 67 29.45 -14.61 10.79
CA ALA B 67 28.75 -15.49 11.73
C ALA B 67 27.63 -16.27 11.06
N ILE B 68 26.93 -15.64 10.13
CA ILE B 68 25.82 -16.29 9.43
C ILE B 68 26.33 -17.25 8.37
N ARG B 69 27.39 -16.87 7.65
CA ARG B 69 28.04 -17.82 6.73
C ARG B 69 28.52 -19.07 7.48
N ARG B 70 29.07 -18.85 8.67
CA ARG B 70 29.55 -19.94 9.54
C ARG B 70 28.42 -20.88 9.94
N ASN B 71 27.42 -20.33 10.61
CA ASN B 71 26.34 -21.14 11.18
C ASN B 71 25.25 -21.49 10.19
N ARG B 72 25.16 -20.73 9.09
CA ARG B 72 24.21 -20.97 8.01
C ARG B 72 22.76 -20.58 8.36
N VAL B 73 22.46 -20.36 9.63
CA VAL B 73 21.12 -20.06 10.10
C VAL B 73 21.23 -19.00 11.17
N ALA B 74 20.34 -18.01 11.09
CA ALA B 74 20.23 -16.96 12.10
C ALA B 74 18.77 -16.64 12.42
N LEU B 75 18.56 -16.17 13.64
CA LEU B 75 17.31 -15.59 14.08
C LEU B 75 17.63 -14.16 14.44
N LYS B 76 16.92 -13.19 13.87
CA LYS B 76 17.24 -11.79 14.11
C LYS B 76 16.08 -10.85 14.40
N GLY B 77 16.36 -9.89 15.28
CA GLY B 77 15.51 -8.74 15.48
C GLY B 77 15.82 -7.72 14.41
N ASN B 78 15.01 -6.67 14.37
CA ASN B 78 15.14 -5.66 13.37
C ASN B 78 16.07 -4.55 13.83
N ILE B 79 16.94 -4.11 12.93
CA ILE B 79 17.87 -3.03 13.19
C ILE B 79 17.25 -1.74 12.66
N GLU B 80 17.25 -0.70 13.48
CA GLU B 80 16.59 0.54 13.08
C GLU B 80 17.50 1.30 12.12
N THR B 81 16.88 1.88 11.10
CA THR B 81 17.55 2.72 10.12
C THR B 81 17.21 4.17 10.45
N ASN B 82 18.23 4.96 10.76
CA ASN B 82 18.03 6.38 10.95
C ASN B 82 18.06 7.05 9.59
N HIS B 83 16.87 7.40 9.09
CA HIS B 83 16.74 8.04 7.78
C HIS B 83 17.14 9.52 7.72
N ASN B 84 17.51 10.09 8.86
CA ASN B 84 18.05 11.45 8.89
C ASN B 84 19.56 11.46 8.65
N LEU B 85 20.19 10.29 8.64
CA LEU B 85 21.61 10.19 8.29
C LEU B 85 21.82 10.37 6.78
N PRO B 86 23.07 10.68 6.36
CA PRO B 86 23.29 10.91 4.94
C PRO B 86 23.19 9.61 4.12
N PRO B 87 22.96 9.72 2.80
CA PRO B 87 22.75 8.54 1.92
C PRO B 87 23.90 7.55 1.86
N SER B 88 25.09 7.94 2.32
CA SER B 88 26.20 7.00 2.52
C SER B 88 25.89 5.94 3.60
N HIS B 89 25.12 6.33 4.62
CA HIS B 89 24.70 5.40 5.67
C HIS B 89 23.43 4.67 5.23
N LYS B 90 23.58 3.39 4.95
CA LYS B 90 22.52 2.56 4.38
C LYS B 90 21.93 1.66 5.45
N SER B 91 20.74 1.15 5.18
CA SER B 91 20.10 0.16 6.05
C SER B 91 20.97 -1.08 6.29
N ARG B 92 21.27 -1.36 7.55
CA ARG B 92 21.98 -2.57 7.93
C ARG B 92 21.17 -3.84 7.71
N ASN B 93 19.84 -3.73 7.72
CA ASN B 93 19.02 -4.92 7.45
C ASN B 93 19.17 -5.33 6.00
N ASN B 94 19.15 -4.34 5.14
CA ASN B 94 19.22 -4.57 3.72
C ASN B 94 20.62 -5.01 3.29
N ILE B 95 21.67 -4.40 3.86
CA ILE B 95 23.05 -4.86 3.61
C ILE B 95 23.19 -6.34 3.99
N LEU B 96 22.56 -6.70 5.11
CA LEU B 96 22.64 -8.06 5.64
C LEU B 96 22.01 -9.09 4.70
N ARG B 97 20.80 -8.80 4.26
CA ARG B 97 20.06 -9.74 3.42
C ARG B 97 20.59 -9.80 1.97
N THR B 98 21.06 -8.69 1.41
CA THR B 98 21.58 -8.69 0.04
C THR B 98 23.00 -9.28 -0.07
N SER B 99 23.88 -8.95 0.87
CA SER B 99 25.21 -9.57 0.96
C SER B 99 25.16 -11.08 1.02
N LEU B 100 24.30 -11.60 1.88
CA LEU B 100 24.10 -13.05 1.97
C LEU B 100 23.28 -13.67 0.85
N ASP B 101 22.74 -12.82 -0.02
CA ASP B 101 21.89 -13.20 -1.15
C ASP B 101 20.71 -14.05 -0.68
N LEU B 102 20.02 -13.57 0.35
CA LEU B 102 18.82 -14.23 0.86
C LEU B 102 17.69 -13.73 -0.02
N TYR B 103 17.45 -14.45 -1.11
CA TYR B 103 16.70 -13.92 -2.24
C TYR B 103 15.19 -14.03 -2.10
N ALA B 104 14.70 -14.91 -1.23
CA ALA B 104 13.26 -15.16 -1.08
C ALA B 104 12.78 -14.76 0.30
N ASN B 105 12.05 -13.66 0.38
CA ASN B 105 11.35 -13.31 1.60
C ASN B 105 9.99 -14.00 1.53
N VAL B 106 9.72 -14.85 2.50
CA VAL B 106 8.41 -15.54 2.53
C VAL B 106 7.74 -15.38 3.88
N ILE B 107 6.47 -14.99 3.84
CA ILE B 107 5.62 -14.88 5.02
C ILE B 107 4.31 -15.64 4.78
N HIS B 108 3.77 -16.17 5.87
CA HIS B 108 2.48 -16.82 5.89
C HIS B 108 1.48 -16.03 6.75
N CYS B 109 0.52 -15.40 6.08
CA CYS B 109 -0.63 -14.75 6.74
C CYS B 109 -1.86 -15.66 6.71
N LYS B 110 -2.25 -16.13 7.89
CA LYS B 110 -3.37 -17.04 8.05
C LYS B 110 -4.24 -16.48 9.17
N SER B 111 -5.53 -16.43 8.95
CA SER B 111 -6.45 -15.98 9.98
C SER B 111 -6.33 -16.91 11.19
N LEU B 112 -6.20 -16.31 12.36
CA LEU B 112 -6.17 -17.05 13.62
C LEU B 112 -7.56 -17.09 14.25
N PRO B 113 -8.03 -18.31 14.63
CA PRO B 113 -9.39 -18.42 15.18
C PRO B 113 -9.64 -17.49 16.38
N GLY B 114 -8.64 -17.40 17.27
CA GLY B 114 -8.73 -16.55 18.46
C GLY B 114 -8.63 -15.05 18.25
N VAL B 115 -8.01 -14.63 17.15
CA VAL B 115 -7.82 -13.19 16.87
C VAL B 115 -8.82 -12.77 15.80
N VAL B 116 -9.79 -11.96 16.20
CA VAL B 116 -10.90 -11.60 15.32
C VAL B 116 -10.63 -10.26 14.66
N THR B 117 -10.64 -10.26 13.33
CA THR B 117 -10.45 -9.06 12.52
C THR B 117 -11.69 -8.85 11.66
N ARG B 118 -11.58 -7.93 10.69
CA ARG B 118 -12.64 -7.64 9.75
C ARG B 118 -12.78 -8.67 8.63
N HIS B 119 -11.85 -9.62 8.56
CA HIS B 119 -11.86 -10.66 7.56
C HIS B 119 -11.47 -11.94 8.24
N LYS B 120 -12.00 -13.04 7.73
CA LYS B 120 -11.60 -14.38 8.17
C LYS B 120 -11.34 -15.25 6.95
N ASP B 121 -10.90 -16.49 7.19
CA ASP B 121 -10.56 -17.44 6.13
C ASP B 121 -9.46 -16.90 5.19
N ILE B 122 -8.50 -16.18 5.76
CA ILE B 122 -7.30 -15.73 5.05
C ILE B 122 -6.21 -16.77 5.21
N ASP B 123 -5.60 -17.15 4.10
CA ASP B 123 -4.46 -18.06 4.09
C ASP B 123 -3.58 -17.71 2.89
N ILE B 124 -2.62 -16.81 3.08
CA ILE B 124 -1.79 -16.30 1.99
C ILE B 124 -0.32 -16.54 2.28
N LEU B 125 0.37 -17.14 1.30
CA LEU B 125 1.83 -17.25 1.27
C LEU B 125 2.37 -16.22 0.29
N ILE B 126 3.23 -15.34 0.77
CA ILE B 126 3.78 -14.27 -0.04
C ILE B 126 5.25 -14.53 -0.25
N VAL B 127 5.65 -14.58 -1.52
CA VAL B 127 7.02 -14.85 -1.89
C VAL B 127 7.54 -13.59 -2.54
N ARG B 128 8.47 -12.92 -1.87
CA ARG B 128 8.92 -11.63 -2.31
C ARG B 128 10.40 -11.67 -2.63
N GLU B 129 10.73 -11.24 -3.85
CA GLU B 129 12.13 -11.07 -4.26
C GLU B 129 12.76 -10.02 -3.34
N ASN B 130 13.93 -10.38 -2.79
CA ASN B 130 14.47 -9.71 -1.61
C ASN B 130 15.78 -8.95 -1.81
N THR B 131 16.20 -8.70 -3.05
CA THR B 131 17.54 -8.15 -3.31
C THR B 131 17.64 -6.92 -4.24
N GLU B 132 16.84 -6.88 -5.30
CA GLU B 132 16.97 -5.83 -6.32
C GLU B 132 15.82 -4.81 -6.23
N GLY B 133 15.59 -4.04 -7.28
CA GLY B 133 14.61 -2.97 -7.27
C GLY B 133 15.22 -1.76 -6.59
N GLU B 134 14.39 -1.05 -5.85
CA GLU B 134 14.77 0.23 -5.28
C GLU B 134 15.73 0.03 -4.10
N TYR B 135 15.76 -1.18 -3.57
CA TYR B 135 16.65 -1.58 -2.49
C TYR B 135 18.15 -1.65 -2.83
N SER B 136 18.46 -1.91 -4.10
CA SER B 136 19.84 -1.89 -4.59
C SER B 136 20.04 -0.75 -5.58
N SER B 137 19.14 0.23 -5.57
CA SER B 137 19.20 1.31 -6.55
C SER B 137 20.32 2.30 -6.24
N LEU B 138 20.61 3.12 -7.25
CA LEU B 138 21.56 4.20 -7.14
C LEU B 138 20.79 5.51 -7.23
N GLU B 139 21.05 6.41 -6.29
CA GLU B 139 20.54 7.77 -6.33
C GLU B 139 21.70 8.73 -6.48
N HIS B 140 21.48 9.78 -7.27
CA HIS B 140 22.44 10.89 -7.37
C HIS B 140 21.73 12.20 -7.60
N GLU B 141 22.43 13.27 -7.22
CA GLU B 141 21.99 14.63 -7.42
C GLU B 141 23.08 15.32 -8.23
N SER B 142 23.03 15.10 -9.55
CA SER B 142 24.01 15.68 -10.45
C SER B 142 23.69 17.14 -10.83
N VAL B 143 22.41 17.46 -10.94
CA VAL B 143 21.98 18.87 -11.00
C VAL B 143 21.21 19.21 -9.72
N ALA B 144 21.59 20.31 -9.08
CA ALA B 144 21.10 20.66 -7.74
C ALA B 144 19.57 20.67 -7.72
N GLY B 145 19.00 20.07 -6.67
CA GLY B 145 17.54 19.92 -6.56
C GLY B 145 16.88 18.87 -7.44
N VAL B 146 17.67 18.03 -8.12
CA VAL B 146 17.12 16.92 -8.92
C VAL B 146 17.79 15.63 -8.45
N VAL B 147 17.02 14.79 -7.78
CA VAL B 147 17.49 13.47 -7.40
C VAL B 147 17.02 12.48 -8.45
N GLU B 148 17.97 11.78 -9.06
CA GLU B 148 17.69 10.72 -10.03
C GLU B 148 17.91 9.34 -9.39
N SER B 149 16.94 8.44 -9.61
CA SER B 149 16.95 7.10 -9.05
C SER B 149 17.08 6.10 -10.18
N LEU B 150 18.08 5.23 -10.10
CA LEU B 150 18.28 4.16 -11.10
C LEU B 150 18.16 2.77 -10.44
N ALA B 151 17.07 2.07 -10.78
CA ALA B 151 16.73 0.78 -10.19
C ALA B 151 16.79 -0.30 -11.25
N ILE B 152 17.12 -1.50 -10.81
CA ILE B 152 17.44 -2.63 -11.68
C ILE B 152 16.51 -3.77 -11.33
N ILE B 153 16.04 -4.45 -12.37
CA ILE B 153 15.33 -5.70 -12.26
C ILE B 153 15.90 -6.65 -13.31
N THR B 154 16.08 -7.91 -12.96
CA THR B 154 16.82 -8.84 -13.81
C THR B 154 16.07 -10.16 -14.00
N LYS B 155 16.40 -10.82 -15.11
CA LYS B 155 15.81 -12.09 -15.47
C LYS B 155 16.21 -13.19 -14.48
N ALA B 156 17.51 -13.27 -14.18
CA ALA B 156 18.00 -14.31 -13.30
C ALA B 156 17.27 -14.30 -11.95
N LYS B 157 17.13 -13.14 -11.34
CA LYS B 157 16.47 -13.02 -10.03
C LYS B 157 14.97 -13.21 -10.07
N SER B 158 14.34 -12.77 -11.15
CA SER B 158 12.92 -12.97 -11.36
C SER B 158 12.62 -14.45 -11.59
N LEU B 159 13.48 -15.11 -12.35
CA LEU B 159 13.30 -16.54 -12.58
C LEU B 159 13.38 -17.33 -11.31
N ARG B 160 14.36 -17.05 -10.46
CA ARG B 160 14.50 -17.91 -9.27
C ARG B 160 13.47 -17.64 -8.18
N ILE B 161 13.00 -16.40 -8.06
CA ILE B 161 11.89 -16.12 -7.15
C ILE B 161 10.60 -16.83 -7.60
N ALA B 162 10.35 -16.84 -8.91
CA ALA B 162 9.19 -17.54 -9.47
C ALA B 162 9.34 -19.03 -9.29
N GLU B 163 10.55 -19.50 -9.50
CA GLU B 163 10.93 -20.89 -9.28
C GLU B 163 10.68 -21.29 -7.82
N TYR B 164 11.08 -20.42 -6.90
CA TYR B 164 10.85 -20.66 -5.48
C TYR B 164 9.36 -20.71 -5.16
N ALA B 165 8.61 -19.73 -5.66
CA ALA B 165 7.19 -19.61 -5.35
C ALA B 165 6.35 -20.80 -5.86
N PHE B 166 6.64 -21.25 -7.07
CA PHE B 166 5.96 -22.40 -7.65
C PHE B 166 6.30 -23.68 -6.91
N LYS B 167 7.57 -23.83 -6.52
CA LYS B 167 8.01 -25.04 -5.83
C LYS B 167 7.34 -25.12 -4.47
N LEU B 168 7.34 -24.00 -3.77
CA LEU B 168 6.67 -23.89 -2.49
C LEU B 168 5.18 -24.21 -2.60
N ALA B 169 4.53 -23.70 -3.63
CA ALA B 169 3.11 -23.96 -3.86
C ALA B 169 2.83 -25.45 -4.04
N GLN B 170 3.63 -26.07 -4.89
CA GLN B 170 3.54 -27.50 -5.14
C GLN B 170 3.75 -28.34 -3.89
N GLU B 171 4.77 -27.99 -3.11
CA GLU B 171 5.15 -28.75 -1.92
C GLU B 171 4.21 -28.55 -0.74
N SER B 172 3.45 -27.46 -0.74
CA SER B 172 2.47 -27.20 0.31
C SER B 172 1.06 -27.59 -0.09
N GLY B 173 0.91 -28.16 -1.29
CA GLY B 173 -0.38 -28.60 -1.78
C GLY B 173 -1.31 -27.44 -2.10
N ARG B 174 -0.74 -26.29 -2.45
CA ARG B 174 -1.50 -25.12 -2.81
C ARG B 174 -1.73 -25.15 -4.32
N LYS B 175 -2.77 -24.44 -4.76
CA LYS B 175 -3.29 -24.60 -6.12
C LYS B 175 -3.10 -23.41 -7.07
N LYS B 176 -2.84 -22.22 -6.54
CA LYS B 176 -2.78 -21.03 -7.38
C LYS B 176 -1.64 -20.09 -6.99
N VAL B 177 -0.90 -19.62 -7.99
CA VAL B 177 0.11 -18.60 -7.82
C VAL B 177 -0.33 -17.34 -8.57
N THR B 178 -0.34 -16.21 -7.87
CA THR B 178 -0.65 -14.91 -8.45
C THR B 178 0.59 -14.02 -8.42
N ALA B 179 1.08 -13.64 -9.60
CA ALA B 179 2.17 -12.67 -9.72
C ALA B 179 1.61 -11.26 -9.64
N VAL B 180 2.12 -10.44 -8.70
CA VAL B 180 1.71 -9.05 -8.63
C VAL B 180 2.80 -8.12 -9.13
N HIS B 181 2.38 -7.06 -9.82
CA HIS B 181 3.26 -6.31 -10.72
C HIS B 181 2.59 -5.01 -11.13
N LYS B 182 3.31 -4.21 -11.91
CA LYS B 182 2.78 -3.00 -12.53
C LYS B 182 3.35 -2.82 -13.97
N ALA B 183 3.27 -3.90 -14.74
CA ALA B 183 3.65 -3.98 -16.14
C ALA B 183 2.82 -3.12 -17.11
N ASN B 184 1.63 -2.72 -16.68
CA ASN B 184 0.84 -1.67 -17.36
C ASN B 184 1.60 -0.32 -17.41
N ILE B 185 2.38 -0.03 -16.37
CA ILE B 185 3.23 1.17 -16.31
C ILE B 185 4.68 0.78 -16.60
N MET B 186 5.28 -0.08 -15.77
CA MET B 186 6.68 -0.50 -15.95
C MET B 186 6.77 -1.61 -16.99
N LYS B 187 6.62 -1.27 -18.27
CA LYS B 187 6.39 -2.29 -19.30
C LYS B 187 7.57 -3.21 -19.52
N LEU B 188 8.78 -2.66 -19.49
CA LEU B 188 9.99 -3.46 -19.69
C LEU B 188 10.36 -4.28 -18.46
N GLY B 189 10.47 -3.62 -17.31
CA GLY B 189 10.92 -4.25 -16.08
C GLY B 189 9.93 -5.22 -15.47
N ASP B 190 8.73 -4.74 -15.23
CA ASP B 190 7.69 -5.60 -14.68
C ASP B 190 7.17 -6.58 -15.74
N GLY B 191 7.24 -6.20 -17.02
CA GLY B 191 6.99 -7.15 -18.13
C GLY B 191 7.96 -8.31 -18.12
N LEU B 192 9.23 -8.02 -17.86
CA LEU B 192 10.23 -9.07 -17.75
C LEU B 192 9.97 -9.99 -16.55
N PHE B 193 9.64 -9.38 -15.41
CA PHE B 193 9.29 -10.15 -14.22
C PHE B 193 8.13 -11.12 -14.48
N LEU B 194 7.08 -10.61 -15.10
CA LEU B 194 5.90 -11.37 -15.43
C LEU B 194 6.20 -12.51 -16.41
N GLN B 195 7.03 -12.21 -17.41
CA GLN B 195 7.40 -13.21 -18.41
C GLN B 195 8.25 -14.33 -17.78
N CYS B 196 9.04 -13.99 -16.78
CA CYS B 196 9.80 -15.00 -16.04
C CYS B 196 8.88 -15.93 -15.22
N CYS B 197 7.85 -15.36 -14.59
CA CYS B 197 6.84 -16.17 -13.88
C CYS B 197 6.10 -17.11 -14.83
N ARG B 198 5.70 -16.61 -15.99
CA ARG B 198 5.03 -17.43 -17.01
C ARG B 198 5.91 -18.54 -17.53
N GLU B 199 7.19 -18.22 -17.65
CA GLU B 199 8.19 -19.19 -18.08
C GLU B 199 8.23 -20.38 -17.11
N VAL B 200 8.25 -20.07 -15.83
CA VAL B 200 8.21 -21.10 -14.78
C VAL B 200 6.83 -21.78 -14.71
N ALA B 201 5.77 -21.00 -14.91
CA ALA B 201 4.40 -21.51 -14.85
C ALA B 201 4.14 -22.67 -15.81
N ALA B 202 4.76 -22.61 -16.97
CA ALA B 202 4.64 -23.65 -17.98
C ALA B 202 5.17 -25.02 -17.52
N ARG B 203 6.09 -25.01 -16.56
CA ARG B 203 6.59 -26.24 -15.95
C ARG B 203 5.78 -26.73 -14.75
N TYR B 204 4.80 -25.94 -14.30
CA TYR B 204 3.88 -26.34 -13.24
C TYR B 204 2.44 -26.27 -13.76
N PRO B 205 2.10 -27.11 -14.75
CA PRO B 205 0.77 -27.02 -15.33
C PRO B 205 -0.35 -27.38 -14.34
N GLN B 206 -0.02 -28.10 -13.26
CA GLN B 206 -0.96 -28.34 -12.15
C GLN B 206 -1.32 -27.13 -11.27
N ILE B 207 -0.52 -26.07 -11.34
CA ILE B 207 -0.73 -24.87 -10.55
C ILE B 207 -1.40 -23.84 -11.44
N THR B 208 -2.53 -23.30 -11.00
CA THR B 208 -3.16 -22.18 -11.69
C THR B 208 -2.26 -20.96 -11.58
N PHE B 209 -2.00 -20.30 -12.71
CA PHE B 209 -1.21 -19.09 -12.68
C PHE B 209 -2.06 -17.89 -13.08
N GLU B 210 -2.05 -16.88 -12.22
CA GLU B 210 -2.76 -15.64 -12.49
C GLU B 210 -1.80 -14.52 -12.26
N ASN B 211 -2.24 -13.32 -12.64
CA ASN B 211 -1.49 -12.12 -12.40
C ASN B 211 -2.46 -10.98 -12.06
N MET B 212 -1.93 -9.95 -11.42
CA MET B 212 -2.73 -8.86 -10.91
C MET B 212 -1.87 -7.63 -10.68
N ILE B 213 -2.41 -6.49 -11.08
CA ILE B 213 -1.71 -5.22 -10.91
C ILE B 213 -1.69 -4.91 -9.41
N VAL B 214 -0.58 -4.35 -8.96
CA VAL B 214 -0.35 -4.13 -7.54
C VAL B 214 -1.41 -3.19 -6.93
N ASP B 215 -1.77 -2.16 -7.68
CA ASP B 215 -2.84 -1.23 -7.28
C ASP B 215 -4.15 -1.98 -7.03
N ASN B 216 -4.53 -2.80 -8.00
CA ASN B 216 -5.76 -3.56 -7.92
C ASN B 216 -5.67 -4.60 -6.81
N THR B 217 -4.49 -5.16 -6.64
CA THR B 217 -4.24 -6.16 -5.61
C THR B 217 -4.54 -5.66 -4.20
N THR B 218 -4.17 -4.41 -3.90
CA THR B 218 -4.45 -3.82 -2.59
C THR B 218 -5.96 -3.69 -2.36
N MET B 219 -6.68 -3.25 -3.39
CA MET B 219 -8.14 -3.12 -3.31
C MET B 219 -8.83 -4.46 -3.10
N GLN B 220 -8.34 -5.49 -3.76
CA GLN B 220 -8.86 -6.84 -3.55
C GLN B 220 -8.59 -7.41 -2.16
N LEU B 221 -7.45 -7.06 -1.57
CA LEU B 221 -7.09 -7.60 -0.25
C LEU B 221 -7.95 -7.04 0.88
N VAL B 222 -8.31 -5.76 0.78
CA VAL B 222 -9.16 -5.11 1.78
C VAL B 222 -10.65 -5.35 1.60
N SER B 223 -11.02 -6.04 0.51
CA SER B 223 -12.39 -6.37 0.22
C SER B 223 -12.63 -7.86 0.27
N ARG B 224 -11.88 -8.60 -0.53
CA ARG B 224 -12.01 -10.05 -0.62
C ARG B 224 -10.62 -10.73 -0.63
N PRO B 225 -9.90 -10.68 0.50
CA PRO B 225 -8.56 -11.30 0.56
C PRO B 225 -8.53 -12.83 0.49
N GLN B 226 -9.69 -13.47 0.55
CA GLN B 226 -9.80 -14.93 0.52
C GLN B 226 -9.49 -15.50 -0.89
N GLN B 227 -9.62 -14.67 -1.92
CA GLN B 227 -9.29 -15.07 -3.28
C GLN B 227 -7.82 -15.47 -3.49
N PHE B 228 -6.91 -14.89 -2.70
CA PHE B 228 -5.48 -15.15 -2.87
C PHE B 228 -4.99 -16.37 -2.14
N ASP B 229 -4.02 -17.02 -2.76
CA ASP B 229 -3.47 -18.27 -2.27
C ASP B 229 -1.94 -18.08 -2.10
N VAL B 230 -1.17 -18.19 -3.18
CA VAL B 230 0.26 -17.88 -3.16
C VAL B 230 0.49 -16.67 -4.04
N MET B 231 1.21 -15.68 -3.51
CA MET B 231 1.46 -14.46 -4.24
C MET B 231 2.95 -14.34 -4.43
N VAL B 232 3.37 -13.92 -5.63
CA VAL B 232 4.79 -13.70 -5.90
C VAL B 232 5.00 -12.34 -6.54
N MET B 233 6.03 -11.61 -6.11
CA MET B 233 6.22 -10.26 -6.60
C MET B 233 7.62 -9.74 -6.37
N PRO B 234 8.03 -8.68 -7.08
CA PRO B 234 9.32 -8.04 -6.77
C PRO B 234 9.32 -7.32 -5.42
N ASN B 235 10.43 -6.68 -5.11
CA ASN B 235 10.77 -6.27 -3.75
C ASN B 235 9.80 -5.24 -3.13
N LEU B 236 9.58 -4.15 -3.84
CA LEU B 236 8.75 -3.05 -3.33
C LEU B 236 7.30 -3.45 -3.12
N TYR B 237 6.69 -4.12 -4.10
CA TYR B 237 5.31 -4.54 -3.95
C TYR B 237 5.16 -5.57 -2.85
N GLY B 238 6.18 -6.39 -2.66
CA GLY B 238 6.26 -7.30 -1.51
C GLY B 238 6.22 -6.59 -0.18
N ASN B 239 6.92 -5.47 -0.08
CA ASN B 239 6.90 -4.65 1.14
C ASN B 239 5.49 -4.16 1.48
N ILE B 240 4.78 -3.69 0.45
CA ILE B 240 3.41 -3.22 0.60
C ILE B 240 2.47 -4.38 0.90
N VAL B 241 2.49 -5.40 0.06
CA VAL B 241 1.56 -6.51 0.23
C VAL B 241 1.76 -7.26 1.57
N ASN B 242 3.01 -7.44 2.00
CA ASN B 242 3.33 -8.06 3.29
C ASN B 242 2.67 -7.34 4.45
N ASN B 243 2.79 -6.02 4.46
CA ASN B 243 2.21 -5.22 5.54
C ASN B 243 0.69 -5.17 5.52
N VAL B 244 0.11 -5.04 4.34
CA VAL B 244 -1.34 -5.14 4.20
C VAL B 244 -1.86 -6.48 4.72
N CYS B 245 -1.28 -7.58 4.24
CA CYS B 245 -1.75 -8.90 4.62
C CYS B 245 -1.55 -9.19 6.10
N ALA B 246 -0.43 -8.71 6.65
CA ALA B 246 -0.15 -8.87 8.06
C ALA B 246 -1.15 -8.08 8.89
N GLY B 247 -1.48 -6.87 8.43
CA GLY B 247 -2.51 -6.05 9.04
C GLY B 247 -3.90 -6.70 9.08
N LEU B 248 -4.26 -7.38 7.99
CA LEU B 248 -5.58 -8.02 7.86
C LEU B 248 -5.81 -9.16 8.86
N VAL B 249 -4.75 -9.87 9.22
CA VAL B 249 -4.87 -11.01 10.13
C VAL B 249 -4.66 -10.66 11.60
N GLY B 250 -4.31 -9.41 11.90
CA GLY B 250 -4.17 -8.94 13.27
C GLY B 250 -2.98 -8.05 13.59
N GLY B 251 -2.05 -7.88 12.65
CA GLY B 251 -1.00 -6.88 12.80
C GLY B 251 0.38 -7.48 12.95
N PRO B 252 1.39 -6.65 13.27
CA PRO B 252 2.79 -7.03 13.26
C PRO B 252 3.22 -7.97 14.39
N GLY B 253 2.38 -8.13 15.39
CA GLY B 253 2.68 -8.98 16.53
C GLY B 253 2.57 -10.47 16.25
N LEU B 254 1.94 -10.85 15.13
CA LEU B 254 1.53 -12.23 14.88
C LEU B 254 2.24 -12.99 13.78
N VAL B 255 2.87 -12.30 12.83
CA VAL B 255 3.31 -12.94 11.58
C VAL B 255 4.82 -13.08 11.48
N ALA B 256 5.27 -14.32 11.26
CA ALA B 256 6.68 -14.64 11.10
C ALA B 256 7.15 -14.48 9.66
N GLY B 257 8.42 -14.12 9.51
CA GLY B 257 9.05 -13.93 8.20
C GLY B 257 10.36 -14.71 8.07
N ALA B 258 10.59 -15.27 6.88
CA ALA B 258 11.82 -16.00 6.55
C ALA B 258 12.50 -15.34 5.36
N ASN B 259 13.84 -15.39 5.36
CA ASN B 259 14.67 -14.93 4.27
C ASN B 259 15.61 -16.05 3.84
N TYR B 260 15.30 -16.67 2.70
CA TYR B 260 16.04 -17.84 2.22
C TYR B 260 17.00 -17.52 1.08
N GLY B 261 18.23 -18.00 1.25
CA GLY B 261 19.19 -18.10 0.15
C GLY B 261 19.29 -19.55 -0.29
N HIS B 262 20.16 -19.81 -1.24
CA HIS B 262 20.48 -21.17 -1.66
C HIS B 262 21.02 -21.99 -0.48
N VAL B 263 21.85 -21.35 0.36
CA VAL B 263 22.48 -22.02 1.50
C VAL B 263 22.18 -21.39 2.87
N TYR B 264 22.12 -20.07 2.96
CA TYR B 264 21.83 -19.41 4.26
C TYR B 264 20.33 -19.14 4.42
N ALA B 265 19.87 -19.02 5.66
CA ALA B 265 18.49 -18.64 5.96
C ALA B 265 18.43 -17.83 7.27
N VAL B 266 17.70 -16.71 7.25
CA VAL B 266 17.57 -15.81 8.39
C VAL B 266 16.09 -15.61 8.72
N PHE B 267 15.74 -15.68 10.00
CA PHE B 267 14.34 -15.61 10.43
C PHE B 267 14.06 -14.40 11.32
N GLU B 268 12.92 -13.79 11.10
CA GLU B 268 12.57 -12.51 11.71
C GLU B 268 11.05 -12.39 11.75
N THR B 269 10.58 -11.30 12.34
CA THR B 269 9.16 -10.94 12.27
C THR B 269 8.87 -10.41 10.87
N ALA B 270 7.67 -10.71 10.38
CA ALA B 270 7.34 -10.47 8.97
C ALA B 270 7.38 -9.01 8.57
N THR B 271 6.89 -8.14 9.43
CA THR B 271 6.79 -6.70 9.11
C THR B 271 8.06 -5.93 9.40
N ARG B 272 9.09 -6.59 9.97
CA ARG B 272 10.40 -5.99 10.17
C ARG B 272 10.36 -4.69 10.98
N ASN B 273 9.62 -4.73 12.07
CA ASN B 273 9.45 -3.56 12.93
C ASN B 273 10.32 -3.65 14.15
N THR B 274 10.93 -2.53 14.51
CA THR B 274 11.80 -2.46 15.66
C THR B 274 10.95 -2.42 16.93
N GLY B 275 9.83 -1.69 16.88
CA GLY B 275 8.94 -1.53 18.02
C GLY B 275 9.52 -0.66 19.12
N LYS B 276 10.21 0.41 18.74
CA LYS B 276 10.91 1.29 19.71
C LYS B 276 9.93 1.87 20.75
N SER B 277 8.76 2.29 20.29
CA SER B 277 7.75 2.95 21.13
C SER B 277 7.22 2.06 22.25
N ILE B 278 7.15 0.75 22.00
CA ILE B 278 6.61 -0.19 22.99
C ILE B 278 7.67 -1.01 23.73
N ALA B 279 8.95 -0.76 23.44
CA ALA B 279 10.02 -1.54 24.02
C ALA B 279 10.15 -1.32 25.51
N ASN B 280 10.58 -2.35 26.23
CA ASN B 280 10.82 -2.34 27.67
C ASN B 280 9.60 -1.92 28.52
N LYS B 281 8.42 -2.34 28.08
CA LYS B 281 7.19 -2.16 28.83
C LYS B 281 6.44 -3.48 29.12
N ASN B 282 7.02 -4.62 28.73
CA ASN B 282 6.41 -5.94 28.94
C ASN B 282 5.01 -6.03 28.31
N ILE B 283 4.84 -5.40 27.15
CA ILE B 283 3.59 -5.49 26.39
C ILE B 283 3.73 -6.04 24.97
N ALA B 284 4.96 -6.14 24.45
CA ALA B 284 5.18 -6.65 23.10
C ALA B 284 4.58 -8.05 22.95
N ASN B 285 3.90 -8.25 21.83
CA ASN B 285 3.37 -9.56 21.47
C ASN B 285 4.55 -10.44 21.07
N PRO B 286 4.73 -11.61 21.73
CA PRO B 286 5.87 -12.47 21.39
C PRO B 286 5.60 -13.47 20.27
N THR B 287 4.38 -13.49 19.74
CA THR B 287 3.92 -14.54 18.84
C THR B 287 4.68 -14.58 17.52
N ALA B 288 4.91 -13.41 16.92
CA ALA B 288 5.61 -13.35 15.64
C ALA B 288 7.01 -13.92 15.76
N THR B 289 7.70 -13.50 16.81
CA THR B 289 9.07 -13.92 17.06
C THR B 289 9.16 -15.42 17.35
N LEU B 290 8.22 -15.94 18.13
CA LEU B 290 8.24 -17.36 18.48
C LEU B 290 7.94 -18.23 17.28
N LEU B 291 6.96 -17.81 16.49
CA LEU B 291 6.66 -18.47 15.24
C LEU B 291 7.79 -18.42 14.24
N ALA B 292 8.58 -17.34 14.26
CA ALA B 292 9.79 -17.24 13.45
C ALA B 292 10.83 -18.26 13.90
N SER B 293 10.99 -18.40 15.22
CA SER B 293 11.87 -19.39 15.80
C SER B 293 11.43 -20.82 15.44
N CYS B 294 10.13 -21.03 15.27
CA CYS B 294 9.61 -22.32 14.81
C CYS B 294 9.92 -22.59 13.34
N MET B 295 9.69 -21.61 12.47
CA MET B 295 10.12 -21.72 11.07
C MET B 295 11.59 -22.10 10.99
N MET B 296 12.40 -21.49 11.85
CA MET B 296 13.82 -21.78 11.93
C MET B 296 14.11 -23.23 12.36
N LEU B 297 13.38 -23.74 13.33
CA LEU B 297 13.52 -25.14 13.73
C LEU B 297 13.15 -26.15 12.61
N ASP B 298 12.06 -25.88 11.89
CA ASP B 298 11.71 -26.66 10.70
C ASP B 298 12.86 -26.70 9.70
N HIS B 299 13.42 -25.54 9.39
CA HIS B 299 14.57 -25.41 8.50
C HIS B 299 15.81 -26.20 8.96
N LEU B 300 15.97 -26.35 10.27
CA LEU B 300 17.01 -27.21 10.87
C LEU B 300 16.58 -28.68 11.04
N LYS B 301 15.44 -29.07 10.47
CA LYS B 301 14.91 -30.43 10.61
C LYS B 301 14.59 -30.83 12.07
N LEU B 302 14.27 -29.84 12.91
CA LEU B 302 13.82 -30.08 14.28
C LEU B 302 12.31 -29.91 14.32
N HIS B 303 11.64 -30.75 13.54
CA HIS B 303 10.21 -30.59 13.24
C HIS B 303 9.33 -30.89 14.44
N SER B 304 9.73 -31.86 15.26
CA SER B 304 8.97 -32.22 16.46
C SER B 304 8.98 -31.07 17.48
N TYR B 305 10.11 -30.38 17.58
CA TYR B 305 10.25 -29.23 18.47
C TYR B 305 9.43 -28.05 17.97
N ALA B 306 9.60 -27.71 16.70
CA ALA B 306 8.83 -26.66 16.06
C ALA B 306 7.35 -26.85 16.29
N THR B 307 6.89 -28.07 16.04
CA THR B 307 5.48 -28.43 16.19
C THR B 307 4.93 -28.22 17.61
N SER B 308 5.69 -28.68 18.61
CA SER B 308 5.28 -28.52 20.00
C SER B 308 5.10 -27.04 20.34
N ILE B 309 6.10 -26.25 19.96
CA ILE B 309 6.11 -24.82 20.24
C ILE B 309 5.01 -24.09 19.45
N ARG B 310 4.95 -24.30 18.14
CA ARG B 310 3.91 -23.73 17.29
C ARG B 310 2.51 -24.03 17.86
N LYS B 311 2.26 -25.27 18.24
CA LYS B 311 0.99 -25.63 18.86
C LYS B 311 0.75 -24.81 20.13
N ALA B 312 1.77 -24.73 20.98
CA ALA B 312 1.68 -23.95 22.22
C ALA B 312 1.32 -22.49 22.00
N VAL B 313 1.95 -21.82 21.04
CA VAL B 313 1.68 -20.39 20.83
C VAL B 313 0.29 -20.23 20.20
N LEU B 314 -0.07 -21.10 19.26
CA LEU B 314 -1.41 -21.08 18.67
C LEU B 314 -2.51 -21.35 19.71
N ALA B 315 -2.25 -22.22 20.66
CA ALA B 315 -3.19 -22.51 21.75
C ALA B 315 -3.38 -21.31 22.68
N SER B 316 -2.28 -20.67 23.04
CA SER B 316 -2.37 -19.48 23.89
C SER B 316 -3.15 -18.36 23.18
N MET B 317 -2.87 -18.11 21.91
CA MET B 317 -3.58 -17.06 21.13
C MET B 317 -5.05 -17.37 20.91
N ASP B 318 -5.41 -18.64 20.99
CA ASP B 318 -6.82 -19.05 21.04
C ASP B 318 -7.59 -18.50 22.25
N ASN B 319 -6.89 -18.08 23.30
CA ASN B 319 -7.49 -17.55 24.52
C ASN B 319 -7.26 -16.04 24.65
N GLU B 320 -8.33 -15.25 24.49
CA GLU B 320 -8.23 -13.78 24.51
C GLU B 320 -7.69 -13.16 25.79
N ASN B 321 -7.77 -13.87 26.91
CA ASN B 321 -7.14 -13.44 28.17
C ASN B 321 -5.60 -13.33 28.07
N MET B 322 -4.99 -14.07 27.14
CA MET B 322 -3.55 -14.04 26.92
C MET B 322 -3.09 -12.94 25.99
N HIS B 323 -4.02 -12.26 25.35
CA HIS B 323 -3.69 -11.31 24.30
C HIS B 323 -3.03 -10.06 24.84
N THR B 324 -2.11 -9.54 24.04
CA THR B 324 -1.41 -8.29 24.35
C THR B 324 -2.17 -7.10 23.74
N PRO B 325 -1.80 -5.85 24.08
CA PRO B 325 -2.62 -4.71 23.62
C PRO B 325 -2.74 -4.53 22.10
N ASP B 326 -1.72 -4.89 21.34
CA ASP B 326 -1.76 -4.84 19.86
C ASP B 326 -2.90 -5.62 19.20
N ILE B 327 -3.45 -6.61 19.88
CA ILE B 327 -4.63 -7.31 19.37
C ILE B 327 -5.82 -7.16 20.31
N GLY B 328 -5.90 -6.00 20.95
CA GLY B 328 -7.03 -5.66 21.81
C GLY B 328 -6.99 -6.22 23.23
N GLY B 329 -6.00 -7.05 23.55
CA GLY B 329 -5.91 -7.67 24.86
C GLY B 329 -5.31 -6.73 25.90
N GLN B 330 -5.21 -7.22 27.12
CA GLN B 330 -4.60 -6.43 28.21
C GLN B 330 -3.43 -7.14 28.90
N GLY B 331 -3.04 -8.31 28.40
CA GLY B 331 -1.99 -9.12 29.01
C GLY B 331 -0.57 -8.62 28.73
N THR B 332 0.35 -9.02 29.59
CA THR B 332 1.75 -8.67 29.41
C THR B 332 2.43 -9.73 28.55
N THR B 333 3.62 -9.40 28.08
CA THR B 333 4.43 -10.35 27.32
C THR B 333 4.75 -11.57 28.19
N SER B 334 5.26 -11.33 29.39
CA SER B 334 5.63 -12.41 30.29
C SER B 334 4.47 -13.35 30.62
N GLU B 335 3.24 -12.84 30.71
CA GLU B 335 2.05 -13.68 30.92
C GLU B 335 1.68 -14.56 29.72
N ALA B 336 1.88 -14.04 28.52
CA ALA B 336 1.68 -14.83 27.30
C ALA B 336 2.70 -15.96 27.25
N ILE B 337 3.95 -15.62 27.54
CA ILE B 337 5.03 -16.60 27.58
C ILE B 337 4.76 -17.68 28.59
N GLN B 338 4.28 -17.28 29.77
CA GLN B 338 3.87 -18.21 30.83
C GLN B 338 2.90 -19.23 30.28
N ASP B 339 1.90 -18.76 29.54
CA ASP B 339 0.90 -19.66 28.97
C ASP B 339 1.43 -20.60 27.89
N VAL B 340 2.36 -20.09 27.07
CA VAL B 340 3.02 -20.90 26.06
C VAL B 340 3.80 -22.02 26.75
N ILE B 341 4.65 -21.66 27.70
CA ILE B 341 5.40 -22.65 28.47
C ILE B 341 4.48 -23.69 29.16
N ARG B 342 3.37 -23.24 29.73
CA ARG B 342 2.37 -24.14 30.29
C ARG B 342 1.86 -25.16 29.25
N HIS B 343 1.60 -24.70 28.03
CA HIS B 343 1.11 -25.58 26.93
C HIS B 343 2.16 -26.54 26.36
N ILE B 344 3.43 -26.16 26.41
CA ILE B 344 4.52 -27.04 26.01
C ILE B 344 4.56 -28.19 27.01
N ARG B 345 4.63 -27.86 28.28
CA ARG B 345 4.63 -28.82 29.40
C ARG B 345 3.46 -29.84 29.42
N VAL B 346 2.28 -29.43 28.95
CA VAL B 346 1.10 -30.33 28.88
C VAL B 346 1.28 -31.40 27.78
N ILE B 347 1.79 -30.98 26.62
CA ILE B 347 2.03 -31.95 25.57
C ILE B 347 3.40 -32.60 25.77
N ASN B 348 4.18 -31.99 26.64
CA ASN B 348 5.50 -32.46 26.97
C ASN B 348 5.59 -33.73 27.82
N GLY B 349 4.57 -33.94 28.63
CA GLY B 349 4.48 -35.07 29.57
C GLY B 349 3.12 -35.22 30.23
#